data_3ZTH
#
_entry.id   3ZTH
#
_cell.length_a   118.149
_cell.length_b   101.869
_cell.length_c   102.784
_cell.angle_alpha   90.00
_cell.angle_beta   115.14
_cell.angle_gamma   90.00
#
_symmetry.space_group_name_H-M   'C 1 2 1'
#
loop_
_entity.id
_entity.type
_entity.pdbx_description
1 polymer STU0660
2 non-polymer 'MAGNESIUM ION'
3 water water
#
_entity_poly.entity_id   1
_entity_poly.type   'polypeptide(L)'
_entity_poly.pdbx_seq_one_letter_code
;(MSE)KFFVQHPYKERIELNIGAITQIVGQNNELKYYTWQILSWYFGGKKYSSEDLSIFDYEEPTILDEAREIVKRSSYH
YIDISSFKDLLEQ(MSE)EYKKGTLAQGYLRKIVNQVDIVGHLEKINEQVELIEEA(MSE)NRHINLNCGQVEYHLENLP
LTLDQLLTKNFSPFFAIENKNLSFEWVSNIDKLSLFLE(MSE)LDHLLSQTTEKYLIVLKNIDGFISEESYTIFYRQICH
LVKKYPNLTFILFPSDQGYLKIDEENSRFVNILSDQVEHLYDVEF(MSE)YERV(MSE)KYYPSNDFPTREGFR(MSE)S
LETVTPYLLTK(MSE)LRQPSLSLVDSVILNILNQLFHFSYRIRCSQTPDKELLQKFLESKD
;
_entity_poly.pdbx_strand_id   A,B
#
# COMPACT_ATOMS: atom_id res chain seq x y z
N LYS A 2 4.90 16.47 20.38
CA LYS A 2 3.78 15.54 20.40
C LYS A 2 2.61 15.98 19.54
N PHE A 3 1.93 15.00 18.94
CA PHE A 3 0.75 15.26 18.14
C PHE A 3 -0.37 14.54 18.89
N PHE A 4 -1.46 15.24 19.15
CA PHE A 4 -2.60 14.60 19.80
C PHE A 4 -3.66 14.63 18.72
N VAL A 5 -3.75 13.53 17.97
CA VAL A 5 -4.66 13.41 16.86
C VAL A 5 -6.08 13.11 17.25
N GLN A 6 -7.00 13.89 16.69
CA GLN A 6 -8.41 13.71 16.96
C GLN A 6 -8.96 12.37 16.48
N HIS A 7 -9.73 11.73 17.35
CA HIS A 7 -10.35 10.46 17.06
C HIS A 7 -11.86 10.70 17.11
N PRO A 8 -12.61 10.13 16.14
CA PRO A 8 -14.06 10.31 16.12
C PRO A 8 -14.84 10.09 17.42
N TYR A 9 -14.48 9.12 18.24
CA TYR A 9 -15.24 8.93 19.47
C TYR A 9 -14.47 8.62 20.75
N LYS A 10 -13.15 8.60 20.67
CA LYS A 10 -12.34 8.31 21.84
C LYS A 10 -11.32 9.44 22.08
N GLU A 11 -10.48 9.24 23.08
CA GLU A 11 -9.45 10.22 23.40
C GLU A 11 -8.55 10.39 22.18
N ARG A 12 -7.75 11.44 22.19
CA ARG A 12 -6.87 11.69 21.07
C ARG A 12 -5.76 10.65 21.02
N ILE A 13 -5.31 10.35 19.80
CA ILE A 13 -4.22 9.39 19.61
C ILE A 13 -2.95 10.19 19.87
N GLU A 14 -2.18 9.75 20.88
CA GLU A 14 -0.93 10.41 21.24
C GLU A 14 0.23 9.90 20.41
N LEU A 15 1.02 10.81 19.88
CA LEU A 15 2.17 10.47 19.06
C LEU A 15 3.39 11.28 19.49
N ASN A 16 4.46 10.59 19.86
CA ASN A 16 5.66 11.30 20.26
C ASN A 16 6.48 11.44 18.96
N ILE A 17 6.53 12.66 18.43
CA ILE A 17 7.22 12.97 17.18
C ILE A 17 8.68 13.42 17.31
N GLY A 18 9.55 12.86 16.46
CA GLY A 18 10.96 13.22 16.48
C GLY A 18 11.53 13.21 15.06
N ALA A 19 12.77 13.65 14.89
CA ALA A 19 13.40 13.68 13.57
C ALA A 19 12.96 12.45 12.78
N ILE A 20 13.16 11.28 13.37
CA ILE A 20 12.73 10.05 12.73
C ILE A 20 11.72 9.35 13.64
N THR A 21 10.47 9.44 13.24
CA THR A 21 9.37 8.84 13.99
C THR A 21 8.89 7.54 13.33
N GLN A 22 8.64 6.52 14.15
CA GLN A 22 8.17 5.23 13.65
C GLN A 22 6.88 4.78 14.35
N ILE A 23 5.86 4.52 13.55
CA ILE A 23 4.57 4.09 14.08
C ILE A 23 4.41 2.61 13.76
N VAL A 24 4.29 1.81 14.81
CA VAL A 24 4.18 0.37 14.68
C VAL A 24 3.03 -0.14 15.53
N GLY A 25 2.74 -1.43 15.47
CA GLY A 25 1.65 -1.94 16.29
C GLY A 25 0.74 -2.90 15.54
N GLN A 26 -0.06 -3.65 16.28
CA GLN A 26 -0.95 -4.63 15.68
C GLN A 26 -2.31 -4.06 15.32
N ASN A 27 -2.59 -2.85 15.79
CA ASN A 27 -3.87 -2.21 15.50
C ASN A 27 -3.78 -1.50 14.15
N ASN A 28 -3.73 -2.28 13.07
CA ASN A 28 -3.61 -1.74 11.73
C ASN A 28 -4.66 -0.69 11.35
N GLU A 29 -5.91 -0.90 11.75
CA GLU A 29 -6.96 0.05 11.44
C GLU A 29 -6.65 1.40 12.06
N LEU A 30 -6.24 1.39 13.32
CA LEU A 30 -5.93 2.64 13.98
C LEU A 30 -4.75 3.31 13.30
N LYS A 31 -3.74 2.53 12.92
CA LYS A 31 -2.56 3.08 12.26
C LYS A 31 -3.03 3.75 10.97
N TYR A 32 -3.92 3.07 10.27
CA TYR A 32 -4.41 3.59 9.01
C TYR A 32 -5.19 4.89 9.20
N TYR A 33 -6.03 4.92 10.23
CA TYR A 33 -6.82 6.09 10.53
C TYR A 33 -5.89 7.25 10.87
N THR A 34 -4.86 6.98 11.65
CA THR A 34 -3.90 8.00 12.04
C THR A 34 -3.23 8.55 10.79
N TRP A 35 -2.88 7.65 9.86
CA TRP A 35 -2.26 8.08 8.60
C TRP A 35 -3.22 8.94 7.76
N GLN A 36 -4.48 8.52 7.70
CA GLN A 36 -5.48 9.26 6.91
C GLN A 36 -5.67 10.68 7.41
N ILE A 37 -5.72 10.85 8.72
CA ILE A 37 -5.89 12.17 9.31
C ILE A 37 -4.65 13.01 9.06
N LEU A 38 -3.48 12.43 9.32
CA LEU A 38 -2.22 13.13 9.12
C LEU A 38 -2.08 13.70 7.71
N SER A 39 -2.32 12.87 6.72
CA SER A 39 -2.19 13.32 5.34
C SER A 39 -3.24 14.35 4.98
N TRP A 40 -4.46 14.20 5.49
CA TRP A 40 -5.52 15.15 5.19
C TRP A 40 -5.23 16.49 5.85
N TYR A 41 -4.87 16.42 7.12
CA TYR A 41 -4.58 17.61 7.91
C TYR A 41 -3.44 18.43 7.31
N PHE A 42 -2.29 17.78 7.11
CA PHE A 42 -1.13 18.47 6.57
C PHE A 42 -1.05 18.49 5.06
N GLY A 43 -1.87 17.67 4.41
CA GLY A 43 -1.86 17.59 2.96
C GLY A 43 -2.73 18.60 2.22
N GLY A 44 -3.49 19.41 2.94
CA GLY A 44 -4.32 20.40 2.28
C GLY A 44 -5.68 19.91 1.81
N LYS A 45 -6.16 18.84 2.43
CA LYS A 45 -7.46 18.29 2.07
C LYS A 45 -8.59 19.31 2.25
N LYS A 46 -9.44 19.42 1.23
CA LYS A 46 -10.60 20.31 1.28
C LYS A 46 -11.73 19.37 1.68
N TYR A 47 -12.23 19.53 2.89
CA TYR A 47 -13.26 18.67 3.44
C TYR A 47 -14.68 18.84 2.91
N SER A 48 -15.30 17.73 2.55
CA SER A 48 -16.69 17.75 2.11
C SER A 48 -17.44 17.52 3.41
N SER A 49 -18.77 17.61 3.39
CA SER A 49 -19.52 17.38 4.61
C SER A 49 -19.52 15.89 4.96
N GLU A 50 -19.41 15.03 3.95
CA GLU A 50 -19.40 13.60 4.21
C GLU A 50 -18.07 13.22 4.86
N ASP A 51 -17.05 14.04 4.66
CA ASP A 51 -15.75 13.78 5.25
C ASP A 51 -15.79 14.10 6.74
N LEU A 52 -16.52 15.16 7.09
CA LEU A 52 -16.61 15.60 8.48
C LEU A 52 -17.73 14.93 9.29
N SER A 53 -18.50 14.06 8.65
CA SER A 53 -19.60 13.36 9.30
C SER A 53 -19.23 12.86 10.68
N ILE A 54 -18.26 11.97 10.74
CA ILE A 54 -17.79 11.37 11.98
C ILE A 54 -17.27 12.37 13.03
N PHE A 55 -17.01 13.60 12.63
CA PHE A 55 -16.54 14.58 13.59
C PHE A 55 -17.63 15.60 13.86
N ASP A 56 -18.88 15.22 13.60
CA ASP A 56 -20.01 16.12 13.79
C ASP A 56 -19.88 17.36 12.91
N TYR A 57 -19.49 17.15 11.65
CA TYR A 57 -19.35 18.21 10.66
C TYR A 57 -18.43 19.34 11.10
N GLU A 58 -17.51 19.01 12.00
CA GLU A 58 -16.52 19.95 12.50
C GLU A 58 -15.18 19.45 11.97
N GLU A 59 -14.31 20.36 11.55
CA GLU A 59 -13.02 19.95 11.02
C GLU A 59 -12.15 19.32 12.12
N PRO A 60 -11.46 18.21 11.80
CA PRO A 60 -10.60 17.52 12.78
C PRO A 60 -9.36 18.34 13.14
N THR A 61 -8.89 18.18 14.37
CA THR A 61 -7.74 18.93 14.86
C THR A 61 -6.59 18.07 15.38
N ILE A 62 -5.40 18.66 15.42
CA ILE A 62 -4.20 17.99 15.95
C ILE A 62 -3.56 18.96 16.95
N LEU A 63 -3.47 18.55 18.21
CA LEU A 63 -2.91 19.39 19.26
C LEU A 63 -1.48 19.01 19.64
N ASP A 64 -0.75 19.97 20.20
CA ASP A 64 0.62 19.70 20.65
C ASP A 64 0.60 19.42 22.15
N GLU A 65 1.77 19.34 22.75
CA GLU A 65 1.90 19.06 24.18
C GLU A 65 1.07 20.01 25.02
N ALA A 66 1.20 21.31 24.73
CA ALA A 66 0.47 22.32 25.47
C ALA A 66 -1.01 22.28 25.18
N ARG A 67 -1.41 21.38 24.29
CA ARG A 67 -2.80 21.24 23.91
C ARG A 67 -3.24 22.36 22.97
N GLU A 68 -2.27 22.95 22.29
CA GLU A 68 -2.55 24.01 21.33
C GLU A 68 -2.70 23.38 19.95
N ILE A 69 -3.34 24.11 19.05
CA ILE A 69 -3.54 23.62 17.70
C ILE A 69 -2.29 23.71 16.84
N VAL A 70 -1.96 22.61 16.18
CA VAL A 70 -0.80 22.57 15.30
C VAL A 70 -1.32 22.99 13.94
N LYS A 71 -0.86 24.14 13.44
CA LYS A 71 -1.32 24.63 12.15
C LYS A 71 -1.13 23.64 11.01
N ARG A 72 -2.12 23.57 10.13
CA ARG A 72 -2.09 22.67 8.99
C ARG A 72 -1.00 23.12 8.01
N SER A 73 -0.66 24.40 8.08
CA SER A 73 0.36 24.98 7.22
C SER A 73 1.74 24.85 7.83
N SER A 74 1.79 24.35 9.06
CA SER A 74 3.04 24.20 9.78
C SER A 74 4.18 23.46 9.06
N TYR A 75 3.86 22.57 8.13
CA TYR A 75 4.90 21.81 7.41
C TYR A 75 4.70 21.77 5.92
N HIS A 76 5.80 21.52 5.19
CA HIS A 76 5.76 21.31 3.76
C HIS A 76 5.63 19.79 3.77
N TYR A 77 4.40 19.33 3.70
CA TYR A 77 4.07 17.91 3.77
C TYR A 77 4.21 17.10 2.48
N ILE A 78 4.90 15.97 2.56
CA ILE A 78 5.03 15.10 1.40
C ILE A 78 4.65 13.68 1.77
N ASP A 79 3.59 13.18 1.15
CA ASP A 79 3.13 11.83 1.45
C ASP A 79 3.61 10.83 0.42
N ILE A 80 4.31 9.81 0.88
CA ILE A 80 4.79 8.76 0.00
C ILE A 80 4.25 7.41 0.48
N SER A 81 3.14 7.00 -0.12
CA SER A 81 2.51 5.73 0.22
C SER A 81 2.60 4.74 -0.92
N SER A 82 3.30 5.13 -1.98
CA SER A 82 3.51 4.28 -3.14
C SER A 82 4.63 4.86 -3.98
N PHE A 83 5.23 4.03 -4.84
CA PHE A 83 6.28 4.55 -5.69
C PHE A 83 5.71 5.56 -6.69
N LYS A 84 4.41 5.49 -6.94
CA LYS A 84 3.80 6.43 -7.87
C LYS A 84 3.86 7.82 -7.27
N ASP A 85 3.69 7.92 -5.95
CA ASP A 85 3.75 9.22 -5.30
C ASP A 85 5.15 9.78 -5.42
N LEU A 86 6.13 8.88 -5.38
CA LEU A 86 7.52 9.27 -5.49
C LEU A 86 7.81 9.84 -6.89
N LEU A 87 7.35 9.13 -7.92
CA LEU A 87 7.56 9.62 -9.28
C LEU A 87 6.90 11.00 -9.43
N GLU A 88 5.71 11.15 -8.87
CA GLU A 88 4.98 12.41 -8.94
C GLU A 88 5.71 13.58 -8.28
N GLN A 89 6.47 13.30 -7.23
CA GLN A 89 7.22 14.35 -6.57
C GLN A 89 8.42 14.80 -7.40
N GLU A 91 8.21 15.13 -10.79
CA GLU A 91 7.69 15.73 -12.01
C GLU A 91 7.45 17.22 -11.68
N TYR A 92 7.57 18.07 -12.69
CA TYR A 92 7.38 19.50 -12.47
C TYR A 92 5.90 19.86 -12.51
N LYS A 93 5.28 19.89 -11.33
CA LYS A 93 3.87 20.23 -11.21
C LYS A 93 3.74 21.13 -10.00
N LYS A 94 2.53 21.65 -9.79
CA LYS A 94 2.27 22.50 -8.65
C LYS A 94 2.53 21.78 -7.33
N GLY A 95 3.42 22.36 -6.52
CA GLY A 95 3.72 21.80 -5.21
C GLY A 95 4.62 20.58 -5.06
N THR A 96 5.10 20.00 -6.15
CA THR A 96 5.96 18.83 -6.00
C THR A 96 7.35 19.27 -5.65
N LEU A 97 8.12 18.33 -5.11
CA LEU A 97 9.50 18.58 -4.73
C LEU A 97 10.26 19.10 -5.96
N ALA A 98 10.05 18.47 -7.10
CA ALA A 98 10.72 18.85 -8.34
C ALA A 98 10.49 20.32 -8.70
N GLN A 99 9.27 20.79 -8.51
CA GLN A 99 8.95 22.17 -8.83
C GLN A 99 9.88 23.10 -8.05
N GLY A 100 9.94 22.89 -6.74
CA GLY A 100 10.78 23.72 -5.91
C GLY A 100 12.26 23.56 -6.19
N TYR A 101 12.66 22.34 -6.57
CA TYR A 101 14.05 22.05 -6.87
C TYR A 101 14.50 22.60 -8.22
N LEU A 102 13.74 22.29 -9.27
CA LEU A 102 14.10 22.76 -10.60
C LEU A 102 14.03 24.29 -10.70
N ARG A 103 13.20 24.92 -9.89
CA ARG A 103 13.10 26.38 -9.94
C ARG A 103 14.38 27.03 -9.42
N LYS A 104 15.07 26.34 -8.51
CA LYS A 104 16.31 26.86 -7.94
C LYS A 104 17.44 26.70 -8.96
N ILE A 105 17.40 25.58 -9.69
CA ILE A 105 18.41 25.26 -10.69
C ILE A 105 18.30 26.13 -11.94
N VAL A 106 17.09 26.27 -12.45
CA VAL A 106 16.84 27.07 -13.65
C VAL A 106 17.22 28.52 -13.43
N ASN A 107 17.09 28.98 -12.19
CA ASN A 107 17.42 30.35 -11.84
C ASN A 107 18.94 30.57 -11.79
N GLN A 108 19.52 30.90 -12.94
CA GLN A 108 20.95 31.16 -13.04
C GLN A 108 21.25 32.11 -14.21
N VAL A 109 22.00 33.17 -13.93
CA VAL A 109 22.35 34.16 -14.95
C VAL A 109 22.69 33.48 -16.26
N ASP A 110 23.32 32.32 -16.16
CA ASP A 110 23.70 31.54 -17.32
C ASP A 110 22.47 31.15 -18.16
N ILE A 111 21.48 30.56 -17.51
CA ILE A 111 20.26 30.13 -18.19
C ILE A 111 19.35 31.29 -18.57
N VAL A 112 19.10 32.18 -17.61
CA VAL A 112 18.27 33.35 -17.83
C VAL A 112 18.60 34.03 -19.16
N GLY A 113 19.88 33.98 -19.53
CA GLY A 113 20.31 34.60 -20.77
C GLY A 113 19.69 33.95 -21.99
N HIS A 114 19.55 32.63 -21.96
CA HIS A 114 18.97 31.90 -23.07
C HIS A 114 17.47 32.22 -23.19
N LEU A 115 16.87 32.64 -22.09
CA LEU A 115 15.46 33.00 -22.09
C LEU A 115 15.31 34.28 -22.91
N GLU A 116 16.23 35.21 -22.66
CA GLU A 116 16.22 36.49 -23.37
C GLU A 116 16.38 36.28 -24.86
N LYS A 117 17.31 35.40 -25.24
CA LYS A 117 17.51 35.13 -26.66
C LYS A 117 16.26 34.49 -27.25
N ILE A 118 15.58 33.66 -26.46
CA ILE A 118 14.36 33.00 -26.93
C ILE A 118 13.24 34.01 -27.14
N ASN A 119 13.10 34.95 -26.21
CA ASN A 119 12.07 35.96 -26.32
C ASN A 119 12.37 36.93 -27.45
N GLU A 120 13.62 36.94 -27.91
CA GLU A 120 13.99 37.81 -29.00
C GLU A 120 13.53 37.17 -30.30
N GLN A 121 13.61 35.85 -30.37
CA GLN A 121 13.16 35.15 -31.55
C GLN A 121 11.63 35.20 -31.61
N VAL A 122 11.01 35.36 -30.45
CA VAL A 122 9.57 35.45 -30.36
C VAL A 122 9.18 36.82 -30.92
N GLU A 123 9.79 37.87 -30.38
CA GLU A 123 9.53 39.22 -30.81
C GLU A 123 9.73 39.35 -32.32
N LEU A 124 10.56 38.47 -32.87
CA LEU A 124 10.81 38.49 -34.30
C LEU A 124 9.66 37.77 -35.02
N ILE A 125 9.24 36.64 -34.48
CA ILE A 125 8.15 35.89 -35.08
C ILE A 125 6.89 36.76 -35.09
N GLU A 126 6.74 37.59 -34.07
CA GLU A 126 5.59 38.49 -33.98
C GLU A 126 5.62 39.51 -35.10
N GLU A 127 6.70 40.29 -35.15
CA GLU A 127 6.87 41.30 -36.18
C GLU A 127 6.71 40.76 -37.59
N ALA A 128 7.48 39.74 -37.93
CA ALA A 128 7.41 39.14 -39.26
C ALA A 128 5.99 38.68 -39.55
N ASN A 130 3.18 40.26 -38.11
CA ASN A 130 2.34 41.44 -38.24
C ASN A 130 2.54 42.08 -39.60
N ARG A 131 3.70 41.85 -40.20
CA ARG A 131 3.98 42.40 -41.52
C ARG A 131 3.10 41.79 -42.58
N HIS A 132 2.63 40.57 -42.33
CA HIS A 132 1.77 39.91 -43.30
C HIS A 132 0.28 40.11 -43.00
N ILE A 133 -0.03 40.47 -41.76
CA ILE A 133 -1.41 40.72 -41.37
C ILE A 133 -1.49 42.21 -41.04
N ASN A 134 -1.34 43.01 -42.09
CA ASN A 134 -1.35 44.46 -42.00
C ASN A 134 -2.69 45.10 -41.68
N LEU A 135 -3.49 44.48 -40.81
CA LEU A 135 -4.78 45.09 -40.53
C LEU A 135 -4.62 46.44 -39.85
N ASN A 136 -4.66 47.48 -40.68
CA ASN A 136 -4.52 48.86 -40.24
C ASN A 136 -5.55 49.71 -40.97
N CYS A 137 -6.35 50.46 -40.22
CA CYS A 137 -7.36 51.34 -40.80
C CYS A 137 -7.46 52.60 -39.96
N GLY A 138 -6.81 53.66 -40.43
CA GLY A 138 -6.81 54.91 -39.68
C GLY A 138 -5.89 54.80 -38.49
N GLN A 139 -6.35 55.25 -37.33
CA GLN A 139 -5.55 55.18 -36.11
C GLN A 139 -5.55 53.76 -35.56
N VAL A 140 -6.50 52.96 -36.03
CA VAL A 140 -6.65 51.59 -35.55
C VAL A 140 -5.77 50.57 -36.24
N GLU A 141 -5.37 49.57 -35.46
CA GLU A 141 -4.55 48.47 -35.96
C GLU A 141 -4.96 47.19 -35.24
N TYR A 142 -5.01 46.10 -35.99
CA TYR A 142 -5.34 44.79 -35.44
C TYR A 142 -4.09 43.94 -35.59
N HIS A 143 -3.55 43.49 -34.47
CA HIS A 143 -2.32 42.70 -34.50
C HIS A 143 -2.19 41.75 -33.32
N LEU A 144 -1.26 40.82 -33.46
CA LEU A 144 -0.99 39.84 -32.42
C LEU A 144 0.07 40.38 -31.47
N GLU A 145 -0.16 40.23 -30.18
CA GLU A 145 0.80 40.66 -29.17
C GLU A 145 1.32 39.40 -28.53
N ASN A 146 2.60 39.38 -28.17
CA ASN A 146 3.17 38.20 -27.59
C ASN A 146 3.33 38.29 -26.08
N LEU A 147 3.04 37.18 -25.42
CA LEU A 147 3.21 37.09 -23.99
C LEU A 147 4.56 36.41 -23.87
N PRO A 148 5.57 37.15 -23.42
CA PRO A 148 6.92 36.60 -23.26
C PRO A 148 6.95 35.28 -22.49
N LEU A 149 7.84 34.39 -22.91
CA LEU A 149 8.01 33.09 -22.28
C LEU A 149 8.67 33.17 -20.91
N THR A 150 8.31 32.24 -20.04
CA THR A 150 8.89 32.17 -18.71
C THR A 150 9.48 30.77 -18.56
N LEU A 151 10.46 30.63 -17.68
CA LEU A 151 11.07 29.32 -17.47
C LEU A 151 10.05 28.40 -16.86
N ASP A 152 9.27 28.90 -15.91
CA ASP A 152 8.23 28.10 -15.29
C ASP A 152 7.39 27.48 -16.39
N GLN A 153 7.09 28.28 -17.41
CA GLN A 153 6.29 27.83 -18.54
C GLN A 153 7.02 26.75 -19.34
N LEU A 154 8.31 26.99 -19.60
CA LEU A 154 9.11 26.02 -20.34
C LEU A 154 9.20 24.69 -19.59
N LEU A 155 9.49 24.76 -18.29
CA LEU A 155 9.59 23.57 -17.48
C LEU A 155 8.28 22.81 -17.45
N THR A 156 7.17 23.54 -17.53
CA THR A 156 5.85 22.95 -17.48
C THR A 156 5.38 22.32 -18.79
N LYS A 157 5.91 22.76 -19.92
CA LYS A 157 5.46 22.24 -21.21
C LYS A 157 6.48 21.59 -22.14
N ASN A 158 7.75 21.96 -22.02
CA ASN A 158 8.76 21.43 -22.92
C ASN A 158 9.86 20.57 -22.27
N PHE A 159 9.72 20.30 -20.98
CA PHE A 159 10.69 19.49 -20.29
C PHE A 159 10.04 18.35 -19.55
N SER A 160 10.70 17.20 -19.57
CA SER A 160 10.22 16.01 -18.89
C SER A 160 11.40 15.23 -18.31
N PRO A 161 11.19 14.58 -17.16
CA PRO A 161 12.26 13.81 -16.53
C PRO A 161 12.42 12.44 -17.18
N PHE A 162 13.65 11.96 -17.20
CA PHE A 162 13.98 10.66 -17.76
C PHE A 162 15.03 10.01 -16.87
N PHE A 163 15.07 8.70 -16.88
CA PHE A 163 16.04 7.98 -16.07
C PHE A 163 16.84 7.12 -17.03
N ALA A 164 18.16 7.17 -16.89
CA ALA A 164 19.01 6.41 -17.79
C ALA A 164 20.14 5.67 -17.07
N ILE A 165 20.59 4.60 -17.72
CA ILE A 165 21.69 3.79 -17.24
C ILE A 165 22.70 3.80 -18.37
N GLU A 166 23.76 4.59 -18.20
CA GLU A 166 24.79 4.71 -19.21
C GLU A 166 24.14 5.22 -20.50
N ASN A 167 23.37 6.29 -20.33
CA ASN A 167 22.67 6.96 -21.43
C ASN A 167 21.51 6.22 -22.10
N LYS A 168 21.14 5.06 -21.58
CA LYS A 168 20.02 4.31 -22.14
C LYS A 168 18.82 4.53 -21.23
N ASN A 169 17.78 5.13 -21.78
CA ASN A 169 16.57 5.42 -21.00
C ASN A 169 15.72 4.20 -20.68
N LEU A 170 15.21 4.17 -19.46
CA LEU A 170 14.29 3.13 -19.02
C LEU A 170 13.24 3.85 -18.19
N SER A 171 12.03 3.31 -18.16
CA SER A 171 10.96 3.93 -17.41
C SER A 171 11.24 3.86 -15.91
N PHE A 172 10.76 4.87 -15.19
CA PHE A 172 10.94 4.97 -13.76
C PHE A 172 10.59 3.68 -13.02
N GLU A 173 9.54 3.02 -13.48
CA GLU A 173 9.08 1.78 -12.87
C GLU A 173 10.13 0.69 -12.84
N TRP A 174 10.94 0.63 -13.89
CA TRP A 174 11.97 -0.39 -14.00
C TRP A 174 13.25 -0.03 -13.24
N VAL A 175 13.29 1.18 -12.72
CA VAL A 175 14.43 1.63 -11.93
C VAL A 175 14.32 0.85 -10.63
N SER A 176 15.45 0.35 -10.14
CA SER A 176 15.49 -0.41 -8.91
C SER A 176 14.79 0.35 -7.77
N ASN A 177 13.94 -0.35 -7.01
CA ASN A 177 13.22 0.30 -5.93
C ASN A 177 14.10 1.12 -4.99
N ILE A 178 15.23 0.55 -4.57
CA ILE A 178 16.13 1.28 -3.68
C ILE A 178 16.65 2.53 -4.39
N ASP A 179 16.87 2.44 -5.70
CA ASP A 179 17.33 3.61 -6.45
C ASP A 179 16.25 4.68 -6.51
N LYS A 180 14.99 4.25 -6.60
CA LYS A 180 13.87 5.18 -6.64
C LYS A 180 13.92 6.06 -5.40
N LEU A 181 14.10 5.43 -4.25
CA LEU A 181 14.15 6.14 -2.98
C LEU A 181 15.39 7.02 -2.90
N SER A 182 16.53 6.48 -3.32
CA SER A 182 17.77 7.24 -3.30
C SER A 182 17.70 8.51 -4.14
N LEU A 183 17.21 8.38 -5.37
CA LEU A 183 17.08 9.55 -6.24
C LEU A 183 16.18 10.58 -5.58
N PHE A 184 15.07 10.12 -5.00
CA PHE A 184 14.14 11.00 -4.33
C PHE A 184 14.82 11.71 -3.15
N LEU A 185 15.53 10.95 -2.34
CA LEU A 185 16.22 11.54 -1.18
C LEU A 185 17.28 12.54 -1.63
N GLU A 186 17.98 12.23 -2.71
CA GLU A 186 18.99 13.12 -3.24
C GLU A 186 18.40 14.45 -3.67
N LEU A 188 15.65 15.69 -2.54
CA LEU A 188 15.22 16.32 -1.31
C LEU A 188 16.43 16.99 -0.64
N ASP A 189 17.59 16.33 -0.72
CA ASP A 189 18.80 16.87 -0.12
C ASP A 189 19.14 18.23 -0.72
N HIS A 190 19.30 18.28 -2.03
CA HIS A 190 19.65 19.49 -2.75
C HIS A 190 18.64 20.60 -2.51
N LEU A 191 17.37 20.24 -2.32
CA LEU A 191 16.36 21.26 -2.06
C LEU A 191 16.53 21.83 -0.65
N LEU A 192 16.58 20.95 0.35
CA LEU A 192 16.73 21.37 1.74
C LEU A 192 17.96 22.22 2.00
N SER A 193 18.98 22.08 1.16
CA SER A 193 20.21 22.83 1.33
C SER A 193 20.01 24.30 1.02
N GLN A 194 18.81 24.64 0.59
CA GLN A 194 18.50 26.02 0.24
C GLN A 194 17.20 26.51 0.86
N THR A 195 16.83 25.93 2.00
CA THR A 195 15.62 26.33 2.72
C THR A 195 15.67 25.92 4.18
N THR A 196 15.04 26.74 5.01
CA THR A 196 15.00 26.50 6.44
C THR A 196 13.60 26.07 6.86
N GLU A 197 12.66 26.14 5.93
CA GLU A 197 11.27 25.77 6.22
C GLU A 197 11.12 24.31 6.60
N LYS A 198 10.18 24.02 7.50
CA LYS A 198 9.95 22.67 7.97
C LYS A 198 9.36 21.72 6.94
N TYR A 199 9.94 20.52 6.85
CA TYR A 199 9.47 19.50 5.93
C TYR A 199 9.09 18.24 6.69
N LEU A 200 7.87 17.77 6.44
CA LEU A 200 7.39 16.58 7.10
C LEU A 200 7.14 15.55 6.00
N ILE A 201 7.87 14.44 6.05
CA ILE A 201 7.73 13.40 5.06
C ILE A 201 7.25 12.10 5.67
N VAL A 202 6.13 11.59 5.17
CA VAL A 202 5.53 10.34 5.64
C VAL A 202 5.78 9.21 4.65
N LEU A 203 6.23 8.07 5.15
CA LEU A 203 6.51 6.92 4.31
C LEU A 203 5.89 5.60 4.77
N LYS A 204 4.96 5.05 4.00
CA LYS A 204 4.37 3.77 4.36
C LYS A 204 4.23 2.91 3.12
N ASN A 205 4.06 1.61 3.32
CA ASN A 205 3.92 0.64 2.24
C ASN A 205 5.18 0.31 1.48
N ILE A 206 6.30 0.94 1.82
CA ILE A 206 7.54 0.68 1.12
C ILE A 206 8.30 -0.56 1.59
N ASP A 207 8.23 -0.87 2.88
CA ASP A 207 8.91 -2.04 3.42
C ASP A 207 8.69 -3.28 2.58
N GLY A 208 7.47 -3.46 2.09
CA GLY A 208 7.18 -4.64 1.31
C GLY A 208 7.82 -4.69 -0.05
N PHE A 209 8.27 -3.54 -0.56
CA PHE A 209 8.87 -3.48 -1.88
C PHE A 209 10.39 -3.60 -1.96
N ILE A 210 11.06 -3.63 -0.83
CA ILE A 210 12.51 -3.79 -0.85
C ILE A 210 12.96 -4.71 0.26
N SER A 211 14.12 -5.34 0.07
CA SER A 211 14.67 -6.27 1.04
C SER A 211 15.06 -5.57 2.32
N GLU A 212 15.35 -6.35 3.36
CA GLU A 212 15.76 -5.77 4.63
C GLU A 212 17.11 -5.07 4.44
N GLU A 213 17.95 -5.61 3.57
CA GLU A 213 19.27 -5.00 3.32
C GLU A 213 19.14 -3.64 2.65
N SER A 214 18.29 -3.54 1.62
CA SER A 214 18.11 -2.26 0.93
C SER A 214 17.55 -1.22 1.89
N TYR A 215 16.56 -1.63 2.68
CA TYR A 215 15.94 -0.71 3.61
C TYR A 215 16.97 -0.08 4.54
N THR A 216 17.92 -0.88 4.99
CA THR A 216 18.99 -0.41 5.87
C THR A 216 19.77 0.72 5.16
N ILE A 217 19.99 0.56 3.86
CA ILE A 217 20.68 1.59 3.09
C ILE A 217 19.84 2.87 3.07
N PHE A 218 18.55 2.71 2.81
CA PHE A 218 17.60 3.82 2.78
C PHE A 218 17.52 4.53 4.14
N TYR A 219 17.49 3.73 5.21
CA TYR A 219 17.40 4.27 6.56
C TYR A 219 18.63 5.08 6.98
N ARG A 220 19.81 4.63 6.55
CA ARG A 220 21.04 5.37 6.86
C ARG A 220 20.95 6.74 6.18
N GLN A 221 20.44 6.74 4.96
CA GLN A 221 20.29 7.98 4.21
C GLN A 221 19.38 8.96 4.94
N ILE A 222 18.22 8.51 5.40
CA ILE A 222 17.34 9.45 6.10
C ILE A 222 17.95 9.91 7.41
N CYS A 223 18.73 9.06 8.07
CA CYS A 223 19.38 9.44 9.32
C CYS A 223 20.38 10.55 9.01
N HIS A 224 21.08 10.41 7.89
CA HIS A 224 22.04 11.41 7.48
C HIS A 224 21.34 12.75 7.28
N LEU A 225 20.23 12.72 6.55
CA LEU A 225 19.51 13.95 6.29
C LEU A 225 18.94 14.64 7.53
N VAL A 226 18.39 13.89 8.48
CA VAL A 226 17.84 14.56 9.66
C VAL A 226 18.93 15.15 10.53
N LYS A 227 20.12 14.55 10.48
CA LYS A 227 21.22 15.06 11.27
C LYS A 227 21.84 16.26 10.57
N LYS A 228 21.49 16.44 9.30
CA LYS A 228 22.02 17.54 8.51
C LYS A 228 21.05 18.71 8.42
N TYR A 229 19.75 18.39 8.41
CA TYR A 229 18.72 19.40 8.32
C TYR A 229 17.79 19.35 9.52
N PRO A 230 18.04 20.19 10.52
CA PRO A 230 17.21 20.24 11.72
C PRO A 230 15.73 20.37 11.40
N ASN A 231 15.45 21.00 10.28
CA ASN A 231 14.09 21.26 9.83
C ASN A 231 13.38 20.09 9.17
N LEU A 232 14.02 18.92 9.15
CA LEU A 232 13.42 17.76 8.51
C LEU A 232 12.86 16.73 9.49
N THR A 233 11.66 16.25 9.19
CA THR A 233 11.00 15.24 10.03
C THR A 233 10.42 14.10 9.19
N PHE A 234 10.71 12.88 9.61
CA PHE A 234 10.22 11.68 8.96
C PHE A 234 9.26 10.89 9.87
N ILE A 235 8.16 10.41 9.29
CA ILE A 235 7.20 9.58 10.02
C ILE A 235 7.05 8.32 9.17
N LEU A 236 7.52 7.19 9.70
CA LEU A 236 7.48 5.90 9.01
C LEU A 236 6.46 4.94 9.67
N PHE A 237 5.94 4.02 8.88
CA PHE A 237 5.00 3.00 9.35
C PHE A 237 5.62 1.66 8.98
N PRO A 238 6.59 1.20 9.79
CA PRO A 238 7.28 -0.08 9.55
C PRO A 238 6.40 -1.30 9.69
N SER A 239 6.79 -2.36 8.98
CA SER A 239 6.09 -3.65 9.03
C SER A 239 6.40 -4.26 10.38
N ASP A 240 5.75 -5.38 10.69
CA ASP A 240 5.97 -6.03 11.97
C ASP A 240 7.35 -6.67 12.16
N GLN A 241 8.02 -7.02 11.06
CA GLN A 241 9.32 -7.66 11.21
C GLN A 241 10.43 -7.25 10.25
N GLY A 242 11.62 -7.06 10.81
CA GLY A 242 12.78 -6.71 10.00
C GLY A 242 12.99 -5.31 9.46
N TYR A 243 12.15 -4.34 9.85
CA TYR A 243 12.31 -2.97 9.35
C TYR A 243 12.43 -1.88 10.42
N LEU A 244 11.80 -2.11 11.56
CA LEU A 244 11.86 -1.14 12.67
C LEU A 244 13.32 -1.01 13.14
N LYS A 245 13.81 0.23 13.22
CA LYS A 245 15.17 0.48 13.67
C LYS A 245 15.14 1.19 15.01
N ILE A 246 15.77 0.61 16.03
CA ILE A 246 15.80 1.22 17.35
C ILE A 246 17.22 1.57 17.80
N ASP A 247 17.42 2.81 18.23
CA ASP A 247 18.71 3.27 18.75
C ASP A 247 18.43 4.29 19.85
N GLU A 248 19.48 4.77 20.53
CA GLU A 248 19.31 5.73 21.60
C GLU A 248 18.60 7.02 21.20
N GLU A 249 18.86 7.50 19.99
CA GLU A 249 18.26 8.73 19.53
C GLU A 249 16.78 8.68 19.16
N ASN A 250 16.38 7.68 18.40
CA ASN A 250 14.98 7.57 17.95
C ASN A 250 14.06 6.74 18.82
N SER A 251 14.61 6.07 19.82
CA SER A 251 13.83 5.22 20.72
C SER A 251 12.48 5.79 21.21
N ARG A 252 12.51 6.99 21.76
CA ARG A 252 11.32 7.64 22.29
C ARG A 252 10.27 7.98 21.23
N PHE A 253 10.68 7.99 19.97
CA PHE A 253 9.75 8.32 18.91
C PHE A 253 9.17 7.10 18.20
N VAL A 254 9.35 5.94 18.82
CA VAL A 254 8.79 4.71 18.30
C VAL A 254 7.44 4.63 19.01
N ASN A 255 6.37 4.83 18.24
CA ASN A 255 5.04 4.78 18.80
C ASN A 255 4.35 3.45 18.54
N ILE A 256 3.94 2.78 19.61
CA ILE A 256 3.27 1.50 19.50
C ILE A 256 1.76 1.72 19.53
N LEU A 257 1.08 1.34 18.46
CA LEU A 257 -0.36 1.48 18.36
C LEU A 257 -1.02 0.10 18.32
N SER A 258 -1.41 -0.42 19.48
CA SER A 258 -2.05 -1.74 19.55
C SER A 258 -3.35 -1.68 20.33
N ASP A 259 -3.52 -2.58 21.30
CA ASP A 259 -4.74 -2.55 22.11
C ASP A 259 -4.67 -1.29 22.97
N GLN A 260 -3.50 -0.67 22.98
CA GLN A 260 -3.28 0.57 23.70
C GLN A 260 -2.21 1.35 22.97
N VAL A 261 -2.08 2.63 23.31
CA VAL A 261 -1.07 3.47 22.69
C VAL A 261 -0.02 3.95 23.68
N GLU A 262 1.25 3.71 23.35
CA GLU A 262 2.37 4.13 24.18
C GLU A 262 3.59 4.31 23.27
N HIS A 263 4.55 5.11 23.70
CA HIS A 263 5.77 5.25 22.91
C HIS A 263 6.87 4.68 23.79
N LEU A 264 7.93 4.17 23.18
CA LEU A 264 9.03 3.59 23.95
C LEU A 264 9.75 4.65 24.77
N TYR A 265 10.55 4.19 25.72
CA TYR A 265 11.34 5.05 26.59
C TYR A 265 12.76 5.03 26.01
N ASP A 266 13.72 5.60 26.75
CA ASP A 266 15.10 5.57 26.30
C ASP A 266 15.55 4.12 26.43
N VAL A 267 16.44 3.68 25.54
CA VAL A 267 16.95 2.33 25.53
C VAL A 267 17.69 1.93 26.81
N GLU A 268 18.60 2.77 27.28
CA GLU A 268 19.34 2.46 28.49
C GLU A 268 18.37 2.33 29.67
N PHE A 269 17.37 3.19 29.71
CA PHE A 269 16.39 3.15 30.77
C PHE A 269 15.71 1.77 30.77
N TYR A 271 16.67 -1.01 29.32
CA TYR A 271 17.60 -2.12 29.51
C TYR A 271 17.72 -2.41 31.01
N GLU A 272 17.98 -1.36 31.79
CA GLU A 272 18.13 -1.53 33.22
C GLU A 272 16.87 -2.10 33.88
N ARG A 273 15.71 -1.56 33.52
CA ARG A 273 14.44 -2.04 34.06
C ARG A 273 14.28 -3.52 33.76
N VAL A 274 14.37 -3.86 32.48
CA VAL A 274 14.22 -5.24 32.03
C VAL A 274 15.22 -6.14 32.74
N LYS A 276 16.49 -5.86 35.58
CA LYS A 276 16.04 -6.11 36.95
C LYS A 276 15.01 -7.25 37.03
N TYR A 277 14.18 -7.36 36.00
CA TYR A 277 13.15 -8.40 35.94
C TYR A 277 13.59 -9.70 35.27
N TYR A 278 14.72 -9.68 34.58
CA TYR A 278 15.18 -10.89 33.90
C TYR A 278 15.29 -12.08 34.86
N PRO A 279 14.69 -13.22 34.49
CA PRO A 279 14.68 -14.45 35.30
C PRO A 279 16.01 -15.19 35.36
N SER A 280 17.08 -14.58 34.85
CA SER A 280 18.37 -15.24 34.85
C SER A 280 19.50 -14.24 35.07
N ASN A 281 20.65 -14.74 35.49
CA ASN A 281 21.83 -13.91 35.73
C ASN A 281 22.50 -13.64 34.40
N ASP A 282 22.23 -14.50 33.42
CA ASP A 282 22.80 -14.33 32.10
C ASP A 282 22.08 -13.25 31.33
N PHE A 283 22.14 -12.03 31.86
CA PHE A 283 21.50 -10.89 31.22
C PHE A 283 21.99 -10.78 29.78
N PRO A 284 21.10 -10.34 28.88
CA PRO A 284 21.49 -10.20 27.48
C PRO A 284 22.38 -8.98 27.36
N THR A 285 23.21 -8.95 26.33
CA THR A 285 24.07 -7.80 26.10
C THR A 285 23.18 -6.63 25.70
N ARG A 286 23.71 -5.42 25.81
CA ARG A 286 22.94 -4.25 25.45
C ARG A 286 22.51 -4.34 23.99
N GLU A 287 23.37 -4.91 23.15
CA GLU A 287 23.04 -5.06 21.74
C GLU A 287 22.02 -6.18 21.55
N GLY A 288 22.19 -7.28 22.28
CA GLY A 288 21.25 -8.38 22.17
C GLY A 288 19.88 -7.92 22.64
N PHE A 289 19.87 -7.02 23.61
CA PHE A 289 18.62 -6.50 24.12
C PHE A 289 17.99 -5.59 23.08
N ARG A 290 18.81 -4.72 22.51
CA ARG A 290 18.35 -3.75 21.52
C ARG A 290 17.68 -4.47 20.35
N SER A 292 16.40 -7.59 20.48
CA SER A 292 15.24 -8.27 20.98
C SER A 292 14.11 -7.25 21.02
N LEU A 293 14.46 -6.02 21.38
CA LEU A 293 13.51 -4.92 21.45
C LEU A 293 12.95 -4.54 20.07
N GLU A 294 13.79 -4.67 19.05
CA GLU A 294 13.37 -4.37 17.67
C GLU A 294 12.40 -5.43 17.15
N THR A 295 12.61 -6.66 17.59
CA THR A 295 11.78 -7.78 17.19
C THR A 295 10.38 -7.77 17.80
N VAL A 296 10.34 -7.53 19.10
CA VAL A 296 9.09 -7.57 19.87
C VAL A 296 8.22 -6.33 19.94
N THR A 297 8.82 -5.15 19.87
CA THR A 297 8.04 -3.92 19.96
C THR A 297 6.72 -3.89 19.18
N PRO A 298 6.74 -4.34 17.92
CA PRO A 298 5.49 -4.33 17.14
C PRO A 298 4.36 -5.15 17.77
N TYR A 299 4.70 -6.08 18.64
CA TYR A 299 3.70 -6.93 19.28
C TYR A 299 3.34 -6.56 20.71
N LEU A 300 3.85 -5.45 21.21
CA LEU A 300 3.56 -5.04 22.58
C LEU A 300 2.14 -4.50 22.72
N LEU A 301 1.61 -4.54 23.94
CA LEU A 301 0.27 -4.03 24.21
C LEU A 301 -0.78 -4.66 23.30
N THR A 302 -0.63 -5.96 23.04
CA THR A 302 -1.59 -6.64 22.19
C THR A 302 -2.02 -7.96 22.76
N LYS A 303 -3.30 -8.07 23.11
CA LYS A 303 -3.80 -9.35 23.61
C LYS A 303 -3.99 -10.09 22.30
N LEU A 305 -4.75 -13.54 19.84
CA LEU A 305 -5.49 -14.79 19.69
C LEU A 305 -4.52 -15.93 19.43
N ARG A 306 -3.50 -15.65 18.63
CA ARG A 306 -2.48 -16.65 18.30
C ARG A 306 -1.14 -16.13 18.80
N GLN A 307 -0.41 -16.96 19.54
CA GLN A 307 0.89 -16.57 20.05
C GLN A 307 1.88 -16.41 18.93
N PRO A 308 2.52 -15.23 18.81
CA PRO A 308 3.49 -15.07 17.73
C PRO A 308 4.66 -16.00 17.97
N SER A 309 5.22 -16.52 16.88
CA SER A 309 6.36 -17.43 16.97
C SER A 309 7.58 -16.61 17.31
N LEU A 310 8.18 -16.90 18.46
CA LEU A 310 9.35 -16.16 18.91
C LEU A 310 10.32 -17.07 19.63
N SER A 311 11.58 -16.62 19.71
CA SER A 311 12.61 -17.37 20.41
C SER A 311 12.28 -17.26 21.89
N LEU A 312 12.84 -18.17 22.68
CA LEU A 312 12.64 -18.19 24.10
C LEU A 312 13.00 -16.84 24.74
N VAL A 313 14.14 -16.29 24.33
CA VAL A 313 14.62 -15.01 24.86
C VAL A 313 13.72 -13.83 24.47
N ASP A 314 13.29 -13.79 23.22
CA ASP A 314 12.45 -12.69 22.79
C ASP A 314 11.10 -12.76 23.50
N SER A 315 10.62 -13.97 23.78
CA SER A 315 9.33 -14.16 24.45
C SER A 315 9.42 -13.61 25.86
N VAL A 316 10.56 -13.84 26.51
CA VAL A 316 10.77 -13.35 27.86
C VAL A 316 10.78 -11.82 27.86
N ILE A 317 11.62 -11.23 27.01
CA ILE A 317 11.73 -9.77 26.91
C ILE A 317 10.35 -9.18 26.62
N LEU A 318 9.62 -9.81 25.71
CA LEU A 318 8.28 -9.35 25.36
C LEU A 318 7.39 -9.27 26.61
N ASN A 319 7.40 -10.35 27.39
CA ASN A 319 6.60 -10.42 28.61
C ASN A 319 6.99 -9.34 29.60
N ILE A 320 8.29 -9.18 29.79
CA ILE A 320 8.78 -8.17 30.73
C ILE A 320 8.40 -6.77 30.26
N LEU A 321 8.61 -6.48 28.98
CA LEU A 321 8.29 -5.16 28.46
C LEU A 321 6.82 -4.86 28.65
N ASN A 322 5.97 -5.80 28.30
CA ASN A 322 4.53 -5.59 28.49
C ASN A 322 4.25 -5.19 29.93
N GLN A 323 4.85 -5.92 30.87
CA GLN A 323 4.66 -5.63 32.27
C GLN A 323 5.04 -4.18 32.60
N LEU A 324 6.12 -3.68 32.00
CA LEU A 324 6.58 -2.31 32.25
C LEU A 324 5.54 -1.29 31.80
N PHE A 325 4.62 -1.73 30.95
CA PHE A 325 3.57 -0.85 30.47
C PHE A 325 2.27 -1.25 31.14
N HIS A 326 2.39 -2.14 32.12
CA HIS A 326 1.23 -2.61 32.85
C HIS A 326 0.23 -3.29 31.94
N PHE A 327 0.71 -3.88 30.85
CA PHE A 327 -0.18 -4.60 29.95
C PHE A 327 -0.09 -6.06 30.37
N SER A 328 -1.24 -6.70 30.52
CA SER A 328 -1.33 -8.09 30.99
C SER A 328 -0.96 -9.25 30.05
N TYR A 329 -0.98 -9.05 28.74
CA TYR A 329 -0.65 -10.16 27.85
C TYR A 329 0.68 -10.84 28.13
N ARG A 330 0.71 -12.17 27.99
CA ARG A 330 1.92 -12.93 28.23
C ARG A 330 2.02 -14.14 27.32
N ILE A 331 3.19 -14.33 26.74
CA ILE A 331 3.44 -15.49 25.92
C ILE A 331 3.65 -16.63 26.92
N ARG A 332 2.92 -17.72 26.77
CA ARG A 332 3.05 -18.84 27.69
C ARG A 332 4.01 -19.90 27.15
N CYS A 333 4.80 -20.47 28.05
CA CYS A 333 5.78 -21.49 27.70
C CYS A 333 5.24 -22.55 26.74
N SER A 334 5.94 -22.74 25.63
CA SER A 334 5.53 -23.73 24.64
C SER A 334 5.34 -25.11 25.28
N GLN A 335 4.41 -25.89 24.73
CA GLN A 335 4.13 -27.23 25.24
C GLN A 335 4.48 -28.30 24.21
N THR A 336 5.70 -28.22 23.69
CA THR A 336 6.16 -29.20 22.70
C THR A 336 7.01 -30.27 23.38
N PRO A 337 6.75 -31.54 23.06
CA PRO A 337 7.49 -32.66 23.65
C PRO A 337 8.91 -32.82 23.10
N ASP A 338 9.79 -33.42 23.91
CA ASP A 338 11.18 -33.66 23.53
C ASP A 338 11.90 -32.43 22.97
N LYS A 339 11.88 -31.33 23.71
CA LYS A 339 12.54 -30.12 23.24
C LYS A 339 14.04 -30.31 23.15
N GLU A 340 14.58 -31.17 24.00
CA GLU A 340 16.02 -31.43 24.00
C GLU A 340 16.44 -31.93 22.63
N LEU A 341 15.63 -32.82 22.07
CA LEU A 341 15.91 -33.39 20.75
C LEU A 341 15.86 -32.34 19.63
N LEU A 342 14.84 -31.49 19.65
CA LEU A 342 14.69 -30.47 18.64
C LEU A 342 15.86 -29.49 18.74
N GLN A 343 16.26 -29.18 19.98
CA GLN A 343 17.38 -28.28 20.21
C GLN A 343 18.65 -28.86 19.62
N LYS A 344 18.91 -30.13 19.91
CA LYS A 344 20.09 -30.82 19.40
C LYS A 344 20.09 -30.87 17.89
N PHE A 345 18.92 -31.16 17.32
CA PHE A 345 18.78 -31.23 15.89
C PHE A 345 19.15 -29.89 15.25
N LEU A 346 18.94 -28.79 15.98
CA LEU A 346 19.28 -27.47 15.48
C LEU A 346 20.77 -27.17 15.63
N GLU A 347 21.51 -28.14 16.16
CA GLU A 347 22.96 -28.01 16.35
C GLU A 347 23.70 -28.64 15.16
N SER A 348 23.28 -29.73 14.72
N LYS B 2 0.01 -22.44 -15.24
CA LYS B 2 1.40 -22.10 -14.95
C LYS B 2 1.68 -20.79 -15.69
N PHE B 3 2.37 -19.88 -15.03
CA PHE B 3 2.75 -18.61 -15.62
C PHE B 3 4.27 -18.58 -15.67
N PHE B 4 4.83 -18.41 -16.84
CA PHE B 4 6.29 -18.31 -16.97
C PHE B 4 6.52 -16.87 -17.39
N VAL B 5 6.61 -16.01 -16.38
CA VAL B 5 6.78 -14.57 -16.57
C VAL B 5 8.16 -14.17 -17.03
N GLN B 6 8.22 -13.36 -18.08
CA GLN B 6 9.50 -12.92 -18.62
C GLN B 6 10.25 -12.03 -17.63
N HIS B 7 11.54 -12.27 -17.54
CA HIS B 7 12.44 -11.53 -16.65
C HIS B 7 13.53 -10.85 -17.48
N PRO B 8 13.83 -9.58 -17.18
CA PRO B 8 14.86 -8.85 -17.94
C PRO B 8 16.21 -9.55 -18.10
N TYR B 9 16.67 -10.31 -17.12
CA TYR B 9 17.96 -10.99 -17.30
C TYR B 9 18.08 -12.48 -16.96
N LYS B 10 17.16 -13.02 -16.19
CA LYS B 10 17.24 -14.44 -15.86
C LYS B 10 16.09 -15.23 -16.48
N GLU B 11 16.07 -16.53 -16.21
CA GLU B 11 15.03 -17.42 -16.73
C GLU B 11 13.67 -16.95 -16.26
N ARG B 12 12.64 -17.26 -17.04
CA ARG B 12 11.29 -16.85 -16.68
C ARG B 12 10.93 -17.24 -15.25
N ILE B 13 10.07 -16.45 -14.64
CA ILE B 13 9.63 -16.68 -13.27
C ILE B 13 8.42 -17.59 -13.32
N GLU B 14 8.55 -18.77 -12.73
CA GLU B 14 7.49 -19.76 -12.71
C GLU B 14 6.54 -19.57 -11.54
N LEU B 15 5.26 -19.40 -11.85
CA LEU B 15 4.22 -19.23 -10.85
C LEU B 15 3.14 -20.28 -11.07
N ASN B 16 2.74 -20.96 -10.00
CA ASN B 16 1.70 -21.97 -10.08
C ASN B 16 0.40 -21.21 -9.75
N ILE B 17 -0.44 -21.01 -10.78
CA ILE B 17 -1.69 -20.26 -10.63
C ILE B 17 -2.92 -21.12 -10.33
N GLY B 18 -3.71 -20.67 -9.35
CA GLY B 18 -4.94 -21.35 -8.95
C GLY B 18 -6.00 -20.32 -8.58
N ALA B 19 -7.20 -20.79 -8.23
CA ALA B 19 -8.30 -19.90 -7.85
C ALA B 19 -7.89 -18.84 -6.83
N ILE B 20 -7.11 -19.24 -5.85
CA ILE B 20 -6.61 -18.31 -4.86
C ILE B 20 -5.12 -18.56 -4.85
N THR B 21 -4.39 -17.74 -5.59
CA THR B 21 -2.93 -17.86 -5.68
C THR B 21 -2.26 -16.89 -4.71
N GLN B 22 -1.23 -17.37 -4.01
CA GLN B 22 -0.53 -16.51 -3.07
C GLN B 22 0.96 -16.44 -3.37
N ILE B 23 1.47 -15.21 -3.45
CA ILE B 23 2.88 -14.99 -3.70
C ILE B 23 3.48 -14.40 -2.43
N VAL B 24 4.40 -15.15 -1.84
CA VAL B 24 5.01 -14.73 -0.60
C VAL B 24 6.53 -14.90 -0.74
N GLY B 25 7.32 -14.45 0.24
CA GLY B 25 8.76 -14.60 0.13
C GLY B 25 9.59 -13.37 0.46
N GLN B 26 10.89 -13.56 0.72
CA GLN B 26 11.80 -12.47 1.07
C GLN B 26 12.38 -11.63 -0.08
N ASN B 27 12.21 -12.08 -1.32
CA ASN B 27 12.73 -11.31 -2.43
C ASN B 27 11.68 -10.26 -2.81
N ASN B 28 11.57 -9.21 -2.00
CA ASN B 28 10.59 -8.15 -2.23
C ASN B 28 10.67 -7.49 -3.61
N GLU B 29 11.87 -7.33 -4.13
CA GLU B 29 12.05 -6.69 -5.43
C GLU B 29 11.53 -7.57 -6.54
N LEU B 30 11.84 -8.86 -6.48
CA LEU B 30 11.37 -9.79 -7.50
C LEU B 30 9.85 -9.84 -7.46
N LYS B 31 9.29 -9.86 -6.25
CA LYS B 31 7.85 -9.89 -6.09
C LYS B 31 7.27 -8.64 -6.69
N TYR B 32 7.93 -7.51 -6.43
CA TYR B 32 7.42 -6.24 -6.96
C TYR B 32 7.45 -6.25 -8.47
N TYR B 33 8.52 -6.80 -9.03
CA TYR B 33 8.65 -6.87 -10.47
C TYR B 33 7.48 -7.70 -11.02
N THR B 34 7.30 -8.88 -10.46
CA THR B 34 6.24 -9.78 -10.89
C THR B 34 4.88 -9.11 -10.89
N TRP B 35 4.59 -8.34 -9.85
CA TRP B 35 3.31 -7.65 -9.77
C TRP B 35 3.20 -6.60 -10.89
N GLN B 36 4.31 -5.90 -11.15
CA GLN B 36 4.36 -4.86 -12.16
C GLN B 36 4.06 -5.41 -13.55
N ILE B 37 4.75 -6.49 -13.92
CA ILE B 37 4.54 -7.12 -15.21
C ILE B 37 3.11 -7.61 -15.33
N LEU B 38 2.63 -8.29 -14.29
CA LEU B 38 1.25 -8.80 -14.27
C LEU B 38 0.22 -7.71 -14.54
N SER B 39 0.36 -6.57 -13.89
CA SER B 39 -0.62 -5.51 -14.09
C SER B 39 -0.44 -4.80 -15.44
N TRP B 40 0.78 -4.78 -15.96
CA TRP B 40 1.00 -4.13 -17.25
C TRP B 40 0.52 -5.06 -18.36
N TYR B 41 0.90 -6.32 -18.26
CA TYR B 41 0.55 -7.34 -19.23
C TYR B 41 -0.95 -7.58 -19.36
N PHE B 42 -1.64 -7.71 -18.23
CA PHE B 42 -3.08 -7.95 -18.25
C PHE B 42 -3.90 -6.69 -18.06
N GLY B 43 -3.24 -5.59 -17.71
CA GLY B 43 -3.96 -4.36 -17.49
C GLY B 43 -4.09 -3.50 -18.73
N GLY B 44 -3.65 -4.03 -19.87
CA GLY B 44 -3.74 -3.26 -21.10
C GLY B 44 -2.84 -2.04 -21.14
N LYS B 45 -1.64 -2.19 -20.61
CA LYS B 45 -0.68 -1.09 -20.59
C LYS B 45 -0.23 -0.84 -22.01
N LYS B 46 -0.09 0.42 -22.39
CA LYS B 46 0.40 0.77 -23.72
C LYS B 46 1.88 1.09 -23.52
N TYR B 47 2.73 0.19 -24.02
CA TYR B 47 4.16 0.32 -23.86
C TYR B 47 4.83 1.43 -24.64
N SER B 48 5.86 2.03 -24.03
CA SER B 48 6.63 3.08 -24.66
C SER B 48 8.04 2.50 -24.81
N SER B 49 8.91 3.20 -25.52
CA SER B 49 10.28 2.72 -25.71
C SER B 49 10.91 2.48 -24.35
N GLU B 50 10.86 3.51 -23.50
CA GLU B 50 11.41 3.44 -22.16
C GLU B 50 10.89 2.20 -21.44
N ASP B 51 9.60 1.93 -21.58
CA ASP B 51 9.00 0.77 -20.93
C ASP B 51 9.66 -0.50 -21.44
N LEU B 52 9.80 -0.63 -22.74
CA LEU B 52 10.36 -1.85 -23.31
C LEU B 52 11.89 -1.94 -23.39
N SER B 53 12.59 -0.88 -22.98
CA SER B 53 14.05 -0.88 -23.04
C SER B 53 14.74 -2.07 -22.35
N ILE B 54 14.25 -2.46 -21.18
CA ILE B 54 14.87 -3.57 -20.46
C ILE B 54 14.64 -4.92 -21.15
N PHE B 55 13.77 -4.94 -22.15
CA PHE B 55 13.47 -6.16 -22.89
C PHE B 55 13.99 -6.14 -24.33
N ASP B 56 14.90 -5.21 -24.63
CA ASP B 56 15.45 -5.09 -25.97
C ASP B 56 14.38 -4.49 -26.87
N TYR B 57 13.50 -3.69 -26.26
CA TYR B 57 12.43 -3.03 -26.98
C TYR B 57 11.43 -3.99 -27.59
N GLU B 58 11.39 -5.20 -27.06
CA GLU B 58 10.44 -6.21 -27.52
C GLU B 58 9.40 -6.29 -26.39
N GLU B 59 8.15 -6.55 -26.73
CA GLU B 59 7.10 -6.65 -25.73
C GLU B 59 7.27 -7.93 -24.92
N PRO B 60 7.27 -7.83 -23.59
CA PRO B 60 7.42 -8.99 -22.71
C PRO B 60 6.25 -9.97 -22.83
N THR B 61 6.48 -11.22 -22.48
CA THR B 61 5.40 -12.20 -22.56
C THR B 61 5.34 -13.13 -21.37
N ILE B 62 4.17 -13.72 -21.18
CA ILE B 62 3.92 -14.69 -20.14
C ILE B 62 3.56 -15.99 -20.86
N LEU B 63 4.31 -17.05 -20.58
CA LEU B 63 4.05 -18.34 -21.22
C LEU B 63 3.38 -19.32 -20.27
N ASP B 64 2.63 -20.26 -20.83
CA ASP B 64 1.97 -21.26 -20.01
C ASP B 64 2.84 -22.51 -19.92
N GLU B 65 2.29 -23.57 -19.34
CA GLU B 65 3.01 -24.81 -19.19
C GLU B 65 3.51 -25.39 -20.50
N ALA B 66 2.78 -25.13 -21.59
CA ALA B 66 3.14 -25.65 -22.90
C ALA B 66 4.00 -24.68 -23.72
N ARG B 67 4.56 -23.68 -23.06
CA ARG B 67 5.40 -22.69 -23.71
C ARG B 67 4.67 -21.75 -24.64
N GLU B 68 3.35 -21.74 -24.56
CA GLU B 68 2.53 -20.86 -25.39
C GLU B 68 2.20 -19.55 -24.69
N ILE B 69 1.98 -18.51 -25.48
CA ILE B 69 1.67 -17.20 -24.96
C ILE B 69 0.29 -17.17 -24.34
N VAL B 70 0.22 -16.64 -23.11
CA VAL B 70 -1.05 -16.49 -22.42
C VAL B 70 -1.52 -15.13 -22.90
N LYS B 71 -2.59 -15.12 -23.68
CA LYS B 71 -3.08 -13.87 -24.24
C LYS B 71 -3.34 -12.81 -23.17
N ARG B 72 -2.97 -11.57 -23.50
CA ARG B 72 -3.15 -10.46 -22.59
C ARG B 72 -4.62 -10.11 -22.41
N SER B 73 -5.48 -10.74 -23.20
CA SER B 73 -6.91 -10.47 -23.14
C SER B 73 -7.68 -11.55 -22.41
N SER B 74 -6.99 -12.59 -21.95
CA SER B 74 -7.65 -13.69 -21.29
C SER B 74 -8.35 -13.39 -19.98
N TYR B 75 -8.11 -12.21 -19.41
CA TYR B 75 -8.73 -11.86 -18.14
C TYR B 75 -9.27 -10.45 -18.09
N HIS B 76 -10.24 -10.24 -17.20
CA HIS B 76 -10.77 -8.92 -16.95
C HIS B 76 -9.96 -8.62 -15.70
N TYR B 77 -8.93 -7.80 -15.86
CA TYR B 77 -8.02 -7.47 -14.78
C TYR B 77 -8.50 -6.35 -13.87
N ILE B 78 -8.26 -6.55 -12.57
CA ILE B 78 -8.60 -5.56 -11.56
C ILE B 78 -7.50 -5.59 -10.52
N ASP B 79 -6.73 -4.52 -10.49
CA ASP B 79 -5.62 -4.42 -9.56
C ASP B 79 -6.01 -3.64 -8.30
N ILE B 80 -5.95 -4.30 -7.17
CA ILE B 80 -6.27 -3.64 -5.91
C ILE B 80 -4.99 -3.45 -5.09
N SER B 81 -4.37 -2.28 -5.24
CA SER B 81 -3.13 -1.97 -4.53
C SER B 81 -3.36 -0.96 -3.41
N SER B 82 -4.58 -0.44 -3.31
CA SER B 82 -4.91 0.52 -2.28
C SER B 82 -6.43 0.56 -2.16
N PHE B 83 -6.95 1.21 -1.13
CA PHE B 83 -8.39 1.30 -0.97
C PHE B 83 -9.00 2.17 -2.04
N LYS B 84 -8.22 3.13 -2.54
CA LYS B 84 -8.72 4.02 -3.58
C LYS B 84 -9.09 3.17 -4.79
N ASP B 85 -8.38 2.05 -4.95
CA ASP B 85 -8.67 1.16 -6.07
C ASP B 85 -10.00 0.47 -5.89
N LEU B 86 -10.35 0.09 -4.65
CA LEU B 86 -11.64 -0.54 -4.40
C LEU B 86 -12.76 0.42 -4.78
N LEU B 87 -12.63 1.67 -4.31
CA LEU B 87 -13.61 2.70 -4.58
C LEU B 87 -13.86 2.89 -6.07
N GLU B 88 -12.79 3.04 -6.84
CA GLU B 88 -12.92 3.25 -8.28
C GLU B 88 -13.77 2.14 -8.90
N GLN B 89 -13.65 0.95 -8.36
CA GLN B 89 -14.42 -0.15 -8.90
C GLN B 89 -15.90 -0.08 -8.51
N GLU B 91 -17.54 3.12 -8.26
CA GLU B 91 -18.11 4.36 -8.77
C GLU B 91 -18.69 4.02 -10.13
N TYR B 92 -19.84 4.60 -10.45
CA TYR B 92 -20.49 4.33 -11.72
C TYR B 92 -19.86 5.10 -12.86
N LYS B 93 -18.82 4.53 -13.44
CA LYS B 93 -18.10 5.12 -14.55
C LYS B 93 -17.76 4.01 -15.53
N LYS B 94 -17.89 4.30 -16.82
CA LYS B 94 -17.61 3.30 -17.84
C LYS B 94 -16.34 2.53 -17.52
N GLY B 95 -16.45 1.21 -17.47
CA GLY B 95 -15.31 0.36 -17.17
C GLY B 95 -15.30 -0.30 -15.81
N THR B 96 -16.03 0.26 -14.84
CA THR B 96 -16.07 -0.30 -13.50
C THR B 96 -17.04 -1.46 -13.37
N LEU B 97 -16.98 -2.14 -12.22
CA LEU B 97 -17.86 -3.26 -11.93
C LEU B 97 -19.28 -2.78 -11.68
N ALA B 98 -19.39 -1.73 -10.87
CA ALA B 98 -20.68 -1.15 -10.54
C ALA B 98 -21.40 -0.73 -11.81
N GLN B 99 -20.67 -0.10 -12.72
CA GLN B 99 -21.23 0.37 -13.98
C GLN B 99 -21.68 -0.80 -14.87
N GLY B 100 -20.87 -1.86 -14.88
CA GLY B 100 -21.18 -3.02 -15.70
C GLY B 100 -22.38 -3.81 -15.18
N TYR B 101 -22.57 -3.79 -13.87
CA TYR B 101 -23.68 -4.49 -13.25
C TYR B 101 -24.94 -3.64 -13.38
N LEU B 102 -24.76 -2.33 -13.29
CA LEU B 102 -25.89 -1.42 -13.40
C LEU B 102 -26.54 -1.60 -14.78
N ARG B 103 -25.72 -1.72 -15.83
CA ARG B 103 -26.24 -1.89 -17.17
C ARG B 103 -27.09 -3.15 -17.31
N LYS B 104 -26.58 -4.28 -16.85
CA LYS B 104 -27.31 -5.55 -16.94
C LYS B 104 -28.47 -5.64 -15.97
N ILE B 105 -29.01 -4.49 -15.56
CA ILE B 105 -30.13 -4.48 -14.63
C ILE B 105 -31.11 -3.33 -14.85
N VAL B 106 -30.57 -2.13 -15.09
CA VAL B 106 -31.40 -0.95 -15.30
C VAL B 106 -32.43 -1.15 -16.41
N ASN B 107 -32.14 -2.08 -17.31
CA ASN B 107 -33.05 -2.37 -18.42
C ASN B 107 -33.85 -3.64 -18.16
N GLN B 108 -34.74 -3.58 -17.17
CA GLN B 108 -35.58 -4.72 -16.81
C GLN B 108 -36.93 -4.27 -16.27
N VAL B 109 -37.98 -4.59 -17.03
CA VAL B 109 -39.38 -4.27 -16.72
C VAL B 109 -39.62 -3.64 -15.36
N ASP B 110 -39.19 -4.35 -14.31
CA ASP B 110 -39.33 -3.90 -12.94
C ASP B 110 -39.15 -2.39 -12.82
N ILE B 111 -38.39 -1.80 -13.73
CA ILE B 111 -38.13 -0.37 -13.72
C ILE B 111 -38.66 0.29 -15.00
N VAL B 112 -38.34 -0.29 -16.14
CA VAL B 112 -38.76 0.24 -17.44
C VAL B 112 -40.25 0.58 -17.42
N GLY B 113 -41.02 -0.21 -16.66
CA GLY B 113 -42.44 0.02 -16.57
C GLY B 113 -42.79 1.32 -15.87
N HIS B 114 -42.08 1.63 -14.79
CA HIS B 114 -42.34 2.86 -14.05
C HIS B 114 -42.11 4.08 -14.93
N LEU B 115 -41.24 3.93 -15.94
CA LEU B 115 -40.96 5.02 -16.86
C LEU B 115 -42.23 5.39 -17.60
N GLU B 116 -43.04 4.39 -17.94
CA GLU B 116 -44.31 4.63 -18.63
C GLU B 116 -45.06 5.70 -17.87
N LYS B 117 -45.31 5.43 -16.58
CA LYS B 117 -46.03 6.35 -15.71
C LYS B 117 -45.41 7.75 -15.68
N ILE B 118 -44.12 7.81 -15.42
CA ILE B 118 -43.42 9.09 -15.36
C ILE B 118 -43.72 9.93 -16.61
N ASN B 119 -43.45 9.35 -17.77
CA ASN B 119 -43.70 10.04 -19.02
C ASN B 119 -45.17 10.33 -19.27
N GLU B 120 -46.05 9.40 -18.94
CA GLU B 120 -47.48 9.61 -19.14
C GLU B 120 -47.85 10.86 -18.34
N GLN B 121 -47.24 10.99 -17.16
CA GLN B 121 -47.48 12.13 -16.29
C GLN B 121 -46.93 13.42 -16.89
N VAL B 122 -45.89 13.31 -17.71
CA VAL B 122 -45.30 14.47 -18.35
C VAL B 122 -46.27 15.00 -19.40
N GLU B 123 -46.79 14.10 -20.22
CA GLU B 123 -47.75 14.47 -21.26
C GLU B 123 -48.94 15.19 -20.64
N LEU B 124 -49.25 14.87 -19.39
CA LEU B 124 -50.37 15.49 -18.71
C LEU B 124 -49.98 16.92 -18.32
N ILE B 125 -48.72 17.14 -17.98
CA ILE B 125 -48.26 18.46 -17.61
C ILE B 125 -48.21 19.34 -18.86
N GLU B 126 -47.81 18.75 -19.98
CA GLU B 126 -47.74 19.46 -21.25
C GLU B 126 -49.13 19.94 -21.65
N GLU B 127 -50.12 19.05 -21.53
CA GLU B 127 -51.49 19.37 -21.88
C GLU B 127 -52.04 20.49 -20.99
N ALA B 128 -51.83 20.36 -19.69
CA ALA B 128 -52.32 21.36 -18.75
C ALA B 128 -51.69 22.73 -18.97
N ASN B 130 -50.38 23.78 -21.99
CA ASN B 130 -50.83 24.26 -23.28
C ASN B 130 -52.23 24.85 -23.25
N ARG B 131 -52.98 24.56 -22.19
CA ARG B 131 -54.33 25.11 -22.05
C ARG B 131 -54.19 26.50 -21.47
N HIS B 132 -53.44 26.61 -20.37
CA HIS B 132 -53.24 27.89 -19.73
C HIS B 132 -52.38 28.80 -20.58
N ILE B 133 -51.56 28.19 -21.43
CA ILE B 133 -50.72 28.96 -22.34
C ILE B 133 -51.69 29.42 -23.42
N ASN B 134 -51.73 30.72 -23.63
CA ASN B 134 -52.65 31.29 -24.59
C ASN B 134 -51.94 32.34 -25.45
N LEU B 135 -51.16 31.86 -26.40
CA LEU B 135 -50.42 32.73 -27.30
C LEU B 135 -50.71 32.39 -28.76
N ASN B 136 -51.73 33.02 -29.32
CA ASN B 136 -52.12 32.82 -30.70
C ASN B 136 -52.19 34.15 -31.40
N CYS B 137 -51.57 34.23 -32.56
CA CYS B 137 -51.55 35.44 -33.36
C CYS B 137 -51.71 34.98 -34.80
N GLY B 138 -52.68 35.53 -35.51
CA GLY B 138 -52.89 35.09 -36.87
C GLY B 138 -53.29 33.63 -36.80
N GLN B 139 -52.61 32.77 -37.59
CA GLN B 139 -52.91 31.34 -37.56
C GLN B 139 -51.84 30.62 -36.76
N VAL B 140 -50.95 31.39 -36.15
CA VAL B 140 -49.85 30.80 -35.39
C VAL B 140 -50.19 30.60 -33.93
N GLU B 141 -49.78 29.45 -33.40
CA GLU B 141 -50.01 29.12 -32.00
C GLU B 141 -48.68 28.71 -31.39
N TYR B 142 -48.44 29.19 -30.18
CA TYR B 142 -47.21 28.87 -29.45
C TYR B 142 -47.57 27.78 -28.46
N HIS B 143 -46.82 26.68 -28.47
CA HIS B 143 -47.10 25.61 -27.53
C HIS B 143 -45.83 24.84 -27.17
N LEU B 144 -45.88 24.16 -26.04
CA LEU B 144 -44.73 23.38 -25.57
C LEU B 144 -44.91 21.91 -25.85
N GLU B 145 -43.85 21.28 -26.31
CA GLU B 145 -43.86 19.85 -26.58
C GLU B 145 -42.82 19.20 -25.68
N ASN B 146 -43.21 18.09 -25.05
CA ASN B 146 -42.33 17.39 -24.14
C ASN B 146 -41.42 16.41 -24.84
N LEU B 147 -40.22 16.27 -24.27
CA LEU B 147 -39.23 15.34 -24.76
C LEU B 147 -39.17 14.23 -23.71
N PRO B 148 -39.53 13.00 -24.10
CA PRO B 148 -39.53 11.86 -23.19
C PRO B 148 -38.32 11.81 -22.26
N LEU B 149 -38.60 11.54 -20.98
CA LEU B 149 -37.58 11.46 -19.95
C LEU B 149 -37.01 10.02 -19.89
N THR B 150 -35.74 9.88 -20.26
CA THR B 150 -35.09 8.57 -20.28
C THR B 150 -34.50 8.14 -18.93
N LEU B 151 -34.10 6.88 -18.86
CA LEU B 151 -33.51 6.33 -17.65
C LEU B 151 -32.15 6.93 -17.38
N ASP B 152 -31.36 7.05 -18.44
CA ASP B 152 -30.02 7.62 -18.34
C ASP B 152 -30.06 9.05 -17.83
N GLN B 153 -31.07 9.79 -18.25
CA GLN B 153 -31.20 11.17 -17.81
C GLN B 153 -31.48 11.19 -16.31
N LEU B 154 -32.36 10.30 -15.87
CA LEU B 154 -32.75 10.19 -14.47
C LEU B 154 -31.56 9.86 -13.57
N LEU B 155 -30.80 8.84 -13.98
CA LEU B 155 -29.63 8.40 -13.22
C LEU B 155 -28.57 9.49 -13.12
N THR B 156 -28.34 10.19 -14.22
CA THR B 156 -27.34 11.25 -14.28
C THR B 156 -27.65 12.53 -13.50
N LYS B 157 -28.86 13.06 -13.64
CA LYS B 157 -29.19 14.29 -12.95
C LYS B 157 -29.95 14.12 -11.63
N ASN B 158 -30.51 12.94 -11.39
CA ASN B 158 -31.28 12.74 -10.17
C ASN B 158 -30.87 11.56 -9.30
N PHE B 159 -29.64 11.11 -9.44
CA PHE B 159 -29.13 10.00 -8.65
C PHE B 159 -27.65 10.12 -8.35
N SER B 160 -27.30 9.87 -7.10
CA SER B 160 -25.92 9.92 -6.63
C SER B 160 -25.74 8.81 -5.61
N PRO B 161 -24.66 8.03 -5.74
CA PRO B 161 -24.36 6.94 -4.82
C PRO B 161 -23.88 7.50 -3.48
N PHE B 162 -24.13 6.78 -2.40
CA PHE B 162 -23.73 7.22 -1.06
C PHE B 162 -23.42 6.08 -0.11
N PHE B 163 -22.47 6.32 0.78
CA PHE B 163 -22.11 5.34 1.80
C PHE B 163 -22.78 5.88 3.06
N ALA B 164 -23.54 5.03 3.73
CA ALA B 164 -24.22 5.51 4.92
C ALA B 164 -24.49 4.46 5.98
N ILE B 165 -24.62 4.95 7.21
CA ILE B 165 -24.93 4.11 8.34
C ILE B 165 -26.22 4.68 8.91
N GLU B 166 -27.30 3.94 8.73
CA GLU B 166 -28.61 4.38 9.20
C GLU B 166 -28.93 5.73 8.57
N ASN B 167 -28.99 5.74 7.25
CA ASN B 167 -29.29 6.94 6.47
C ASN B 167 -28.40 8.17 6.71
N LYS B 168 -27.24 7.98 7.32
CA LYS B 168 -26.31 9.08 7.55
C LYS B 168 -25.06 8.85 6.69
N ASN B 169 -24.93 9.63 5.63
CA ASN B 169 -23.79 9.48 4.72
C ASN B 169 -22.45 9.85 5.33
N LEU B 170 -21.43 9.12 4.91
CA LEU B 170 -20.06 9.36 5.33
C LEU B 170 -19.17 9.02 4.15
N SER B 171 -17.97 9.59 4.11
CA SER B 171 -17.04 9.34 3.03
C SER B 171 -16.47 7.92 3.09
N PHE B 172 -16.26 7.34 1.91
CA PHE B 172 -15.72 5.99 1.78
C PHE B 172 -14.52 5.75 2.71
N GLU B 173 -13.71 6.79 2.88
CA GLU B 173 -12.53 6.70 3.73
C GLU B 173 -12.83 6.29 5.17
N TRP B 174 -14.00 6.67 5.68
CA TRP B 174 -14.38 6.37 7.06
C TRP B 174 -15.11 5.04 7.28
N VAL B 175 -15.39 4.33 6.19
CA VAL B 175 -16.03 3.03 6.31
C VAL B 175 -14.92 2.10 6.77
N SER B 176 -15.12 1.35 7.84
CA SER B 176 -14.08 0.45 8.32
C SER B 176 -13.42 -0.28 7.14
N ASN B 177 -12.11 -0.47 7.22
CA ASN B 177 -11.39 -1.12 6.15
C ASN B 177 -11.88 -2.52 5.79
N ILE B 178 -12.31 -3.31 6.78
CA ILE B 178 -12.80 -4.64 6.47
C ILE B 178 -14.09 -4.52 5.68
N ASP B 179 -14.92 -3.53 6.03
CA ASP B 179 -16.18 -3.32 5.31
C ASP B 179 -15.92 -2.85 3.87
N LYS B 180 -14.90 -2.02 3.69
CA LYS B 180 -14.58 -1.55 2.34
C LYS B 180 -14.36 -2.78 1.48
N LEU B 181 -13.63 -3.75 2.03
CA LEU B 181 -13.31 -4.98 1.33
C LEU B 181 -14.54 -5.86 1.09
N SER B 182 -15.42 -5.93 2.07
CA SER B 182 -16.61 -6.75 1.93
C SER B 182 -17.54 -6.16 0.87
N LEU B 183 -17.73 -4.85 0.91
CA LEU B 183 -18.59 -4.18 -0.08
C LEU B 183 -18.06 -4.49 -1.48
N PHE B 184 -16.75 -4.35 -1.65
CA PHE B 184 -16.12 -4.61 -2.93
C PHE B 184 -16.41 -6.03 -3.42
N LEU B 185 -16.38 -6.98 -2.49
CA LEU B 185 -16.62 -8.38 -2.84
C LEU B 185 -18.08 -8.67 -3.15
N GLU B 186 -18.99 -7.96 -2.50
CA GLU B 186 -20.39 -8.19 -2.77
C GLU B 186 -20.66 -7.64 -4.16
N LEU B 188 -18.55 -7.42 -6.58
CA LEU B 188 -17.94 -8.41 -7.44
C LEU B 188 -18.82 -9.64 -7.60
N ASP B 189 -19.50 -10.03 -6.53
CA ASP B 189 -20.39 -11.19 -6.53
C ASP B 189 -21.53 -10.94 -7.52
N HIS B 190 -22.17 -9.77 -7.39
CA HIS B 190 -23.26 -9.39 -8.26
C HIS B 190 -22.83 -9.49 -9.72
N LEU B 191 -21.74 -8.83 -10.05
CA LEU B 191 -21.27 -8.84 -11.42
C LEU B 191 -20.95 -10.23 -11.98
N LEU B 192 -20.35 -11.09 -11.15
CA LEU B 192 -19.99 -12.43 -11.61
C LEU B 192 -21.22 -13.30 -11.86
N SER B 193 -22.32 -13.01 -11.17
CA SER B 193 -23.53 -13.79 -11.36
C SER B 193 -24.09 -13.56 -12.77
N GLN B 194 -23.67 -12.46 -13.39
CA GLN B 194 -24.13 -12.08 -14.72
C GLN B 194 -23.16 -12.38 -15.85
N THR B 195 -22.06 -13.05 -15.55
CA THR B 195 -21.11 -13.35 -16.62
C THR B 195 -20.25 -14.58 -16.34
N THR B 196 -19.73 -15.17 -17.41
CA THR B 196 -18.88 -16.35 -17.31
C THR B 196 -17.47 -16.02 -17.76
N GLU B 197 -17.26 -14.78 -18.18
CA GLU B 197 -15.93 -14.38 -18.61
C GLU B 197 -14.94 -14.38 -17.44
N LYS B 198 -13.68 -14.67 -17.74
CA LYS B 198 -12.68 -14.74 -16.69
C LYS B 198 -12.25 -13.42 -16.07
N TYR B 199 -12.09 -13.45 -14.75
CA TYR B 199 -11.66 -12.30 -13.97
C TYR B 199 -10.43 -12.65 -13.13
N LEU B 200 -9.43 -11.76 -13.15
CA LEU B 200 -8.22 -11.95 -12.38
C LEU B 200 -8.09 -10.74 -11.46
N ILE B 201 -8.14 -10.99 -10.17
CA ILE B 201 -8.05 -9.92 -9.18
C ILE B 201 -6.79 -10.02 -8.34
N VAL B 202 -5.99 -8.96 -8.40
CA VAL B 202 -4.74 -8.89 -7.66
C VAL B 202 -4.89 -7.97 -6.44
N LEU B 203 -4.50 -8.48 -5.27
CA LEU B 203 -4.58 -7.74 -4.02
C LEU B 203 -3.19 -7.62 -3.43
N LYS B 204 -2.80 -6.41 -3.06
CA LYS B 204 -1.48 -6.14 -2.49
C LYS B 204 -1.62 -4.99 -1.50
N ASN B 205 -0.78 -4.96 -0.48
CA ASN B 205 -0.78 -3.89 0.53
C ASN B 205 -1.96 -3.81 1.49
N ILE B 206 -2.97 -4.66 1.35
CA ILE B 206 -4.13 -4.58 2.24
C ILE B 206 -3.88 -5.12 3.66
N ASP B 207 -2.99 -6.10 3.79
CA ASP B 207 -2.65 -6.71 5.09
C ASP B 207 -2.31 -5.72 6.19
N GLY B 208 -1.47 -4.74 5.86
CA GLY B 208 -1.07 -3.75 6.85
C GLY B 208 -2.16 -2.83 7.33
N PHE B 209 -3.31 -2.83 6.65
CA PHE B 209 -4.42 -1.95 7.01
C PHE B 209 -5.57 -2.61 7.75
N ILE B 210 -5.49 -3.92 7.98
CA ILE B 210 -6.55 -4.59 8.73
C ILE B 210 -5.95 -5.60 9.70
N SER B 211 -6.74 -5.97 10.69
CA SER B 211 -6.29 -6.93 11.69
C SER B 211 -6.19 -8.31 11.08
N GLU B 212 -5.46 -9.19 11.74
CA GLU B 212 -5.35 -10.57 11.29
C GLU B 212 -6.74 -11.20 11.36
N GLU B 213 -7.50 -10.85 12.40
CA GLU B 213 -8.85 -11.39 12.58
C GLU B 213 -9.71 -11.04 11.39
N SER B 214 -9.76 -9.76 11.04
CA SER B 214 -10.57 -9.30 9.91
C SER B 214 -10.19 -9.99 8.61
N TYR B 215 -8.89 -10.06 8.33
CA TYR B 215 -8.43 -10.67 7.10
C TYR B 215 -8.98 -12.09 6.94
N THR B 216 -9.13 -12.80 8.05
CA THR B 216 -9.67 -14.15 8.02
C THR B 216 -11.09 -14.07 7.45
N ILE B 217 -11.85 -13.10 7.93
CA ILE B 217 -13.22 -12.90 7.43
C ILE B 217 -13.14 -12.70 5.91
N PHE B 218 -12.29 -11.76 5.50
CA PHE B 218 -12.09 -11.44 4.09
C PHE B 218 -11.68 -12.65 3.28
N TYR B 219 -10.77 -13.45 3.83
CA TYR B 219 -10.27 -14.65 3.15
C TYR B 219 -11.37 -15.68 2.88
N ARG B 220 -12.24 -15.86 3.87
CA ARG B 220 -13.33 -16.82 3.72
C ARG B 220 -14.32 -16.37 2.66
N GLN B 221 -14.54 -15.06 2.60
CA GLN B 221 -15.45 -14.49 1.62
C GLN B 221 -14.92 -14.76 0.21
N ILE B 222 -13.62 -14.58 -0.02
CA ILE B 222 -13.11 -14.83 -1.36
C ILE B 222 -13.06 -16.31 -1.61
N CYS B 223 -12.94 -17.11 -0.55
CA CYS B 223 -12.93 -18.55 -0.70
C CYS B 223 -14.29 -18.97 -1.21
N HIS B 224 -15.32 -18.31 -0.67
CA HIS B 224 -16.69 -18.59 -1.09
C HIS B 224 -16.83 -18.19 -2.55
N LEU B 225 -16.56 -16.92 -2.84
CA LEU B 225 -16.68 -16.41 -4.20
C LEU B 225 -16.02 -17.29 -5.25
N VAL B 226 -14.85 -17.83 -4.92
CA VAL B 226 -14.13 -18.67 -5.85
C VAL B 226 -14.80 -20.03 -6.06
N LYS B 227 -15.50 -20.50 -5.03
CA LYS B 227 -16.19 -21.78 -5.11
C LYS B 227 -17.42 -21.59 -5.99
N LYS B 228 -18.04 -20.43 -5.83
CA LYS B 228 -19.24 -20.06 -6.58
C LYS B 228 -18.96 -19.70 -8.04
N TYR B 229 -17.77 -19.16 -8.33
CA TYR B 229 -17.44 -18.73 -9.69
C TYR B 229 -16.10 -19.28 -10.22
N PRO B 230 -16.15 -20.32 -11.06
CA PRO B 230 -14.93 -20.92 -11.61
C PRO B 230 -14.13 -19.94 -12.47
N ASN B 231 -14.77 -18.87 -12.92
CA ASN B 231 -14.10 -17.88 -13.77
C ASN B 231 -13.37 -16.78 -13.00
N LEU B 232 -13.37 -16.89 -11.68
CA LEU B 232 -12.72 -15.91 -10.81
C LEU B 232 -11.39 -16.44 -10.29
N THR B 233 -10.35 -15.63 -10.39
CA THR B 233 -9.02 -16.01 -9.91
C THR B 233 -8.43 -14.88 -9.06
N PHE B 234 -7.91 -15.22 -7.90
CA PHE B 234 -7.31 -14.24 -7.02
C PHE B 234 -5.81 -14.45 -6.90
N ILE B 235 -5.06 -13.36 -6.93
CA ILE B 235 -3.62 -13.41 -6.75
C ILE B 235 -3.29 -12.45 -5.60
N LEU B 236 -2.94 -13.02 -4.45
CA LEU B 236 -2.61 -12.24 -3.26
C LEU B 236 -1.10 -12.16 -3.03
N PHE B 237 -0.66 -11.06 -2.41
CA PHE B 237 0.74 -10.86 -2.07
C PHE B 237 0.75 -10.60 -0.56
N PRO B 238 0.63 -11.67 0.25
CA PRO B 238 0.62 -11.58 1.72
C PRO B 238 1.89 -11.09 2.40
N SER B 239 1.73 -10.54 3.61
CA SER B 239 2.86 -10.05 4.43
C SER B 239 3.59 -11.28 4.95
N ASP B 240 4.75 -11.08 5.55
CA ASP B 240 5.52 -12.20 6.06
C ASP B 240 4.88 -12.87 7.28
N GLN B 241 4.04 -12.14 8.02
CA GLN B 241 3.46 -12.71 9.23
C GLN B 241 1.95 -12.54 9.45
N GLY B 242 1.28 -13.67 9.72
CA GLY B 242 -0.14 -13.67 10.01
C GLY B 242 -1.21 -13.55 8.92
N TYR B 243 -0.83 -13.61 7.65
CA TYR B 243 -1.81 -13.48 6.57
C TYR B 243 -1.88 -14.63 5.58
N LEU B 244 -0.73 -15.23 5.30
CA LEU B 244 -0.66 -16.36 4.39
C LEU B 244 -1.57 -17.46 4.93
N LYS B 245 -2.43 -18.02 4.09
CA LYS B 245 -3.32 -19.10 4.52
C LYS B 245 -2.94 -20.37 3.79
N ILE B 246 -2.71 -21.45 4.55
CA ILE B 246 -2.36 -22.74 3.96
C ILE B 246 -3.50 -23.72 4.24
N ASP B 247 -4.14 -24.22 3.18
CA ASP B 247 -5.21 -25.19 3.32
C ASP B 247 -5.06 -26.27 2.24
N GLU B 248 -5.83 -27.34 2.38
CA GLU B 248 -5.77 -28.47 1.46
C GLU B 248 -5.94 -28.08 -0.01
N GLU B 249 -6.81 -27.10 -0.27
CA GLU B 249 -7.06 -26.70 -1.64
C GLU B 249 -6.20 -25.63 -2.29
N ASN B 250 -5.56 -24.77 -1.52
CA ASN B 250 -4.76 -23.72 -2.13
C ASN B 250 -3.26 -23.80 -1.91
N SER B 251 -2.81 -24.70 -1.05
CA SER B 251 -1.38 -24.81 -0.76
C SER B 251 -0.54 -24.93 -2.01
N ARG B 252 -1.04 -25.68 -2.97
CA ARG B 252 -0.36 -25.93 -4.24
C ARG B 252 -0.05 -24.63 -4.99
N PHE B 253 -0.82 -23.57 -4.69
CA PHE B 253 -0.65 -22.30 -5.37
C PHE B 253 0.01 -21.22 -4.53
N VAL B 254 0.77 -21.64 -3.52
CA VAL B 254 1.49 -20.71 -2.66
C VAL B 254 2.89 -20.61 -3.25
N ASN B 255 3.18 -19.49 -3.88
CA ASN B 255 4.49 -19.32 -4.50
C ASN B 255 5.49 -18.56 -3.64
N ILE B 256 6.66 -19.15 -3.46
CA ILE B 256 7.71 -18.55 -2.67
C ILE B 256 8.76 -17.93 -3.58
N LEU B 257 8.90 -16.61 -3.51
CA LEU B 257 9.90 -15.92 -4.32
C LEU B 257 10.95 -15.31 -3.41
N SER B 258 12.06 -16.04 -3.24
CA SER B 258 13.17 -15.59 -2.40
C SER B 258 14.45 -15.79 -3.19
N ASP B 259 15.44 -16.46 -2.60
CA ASP B 259 16.68 -16.69 -3.31
C ASP B 259 16.40 -17.68 -4.43
N GLN B 260 15.31 -18.43 -4.30
CA GLN B 260 14.89 -19.39 -5.31
C GLN B 260 13.39 -19.29 -5.45
N VAL B 261 12.85 -19.76 -6.57
CA VAL B 261 11.40 -19.74 -6.77
C VAL B 261 10.91 -21.18 -6.62
N GLU B 262 9.71 -21.35 -6.05
CA GLU B 262 9.17 -22.67 -5.81
C GLU B 262 7.72 -22.52 -5.30
N HIS B 263 6.88 -23.51 -5.53
CA HIS B 263 5.52 -23.45 -5.00
C HIS B 263 5.39 -24.65 -4.06
N LEU B 264 4.50 -24.54 -3.09
CA LEU B 264 4.32 -25.62 -2.13
C LEU B 264 3.56 -26.77 -2.77
N TYR B 265 3.46 -27.87 -2.03
CA TYR B 265 2.76 -29.05 -2.53
C TYR B 265 1.51 -29.35 -1.73
N ASP B 266 1.02 -30.58 -1.90
CA ASP B 266 -0.13 -31.09 -1.17
C ASP B 266 0.30 -31.04 0.30
N VAL B 267 -0.56 -30.53 1.17
CA VAL B 267 -0.18 -30.43 2.58
C VAL B 267 0.17 -31.78 3.20
N GLU B 268 -0.73 -32.76 3.09
CA GLU B 268 -0.48 -34.08 3.68
C GLU B 268 0.84 -34.64 3.20
N PHE B 269 1.11 -34.45 1.91
CA PHE B 269 2.35 -34.93 1.32
C PHE B 269 3.57 -34.35 2.03
N TYR B 271 3.59 -33.01 4.99
CA TYR B 271 3.51 -33.46 6.37
C TYR B 271 4.21 -34.79 6.53
N GLU B 272 4.06 -35.66 5.55
CA GLU B 272 4.70 -36.96 5.63
C GLU B 272 6.19 -36.89 5.32
N ARG B 273 6.57 -36.10 4.32
CA ARG B 273 7.96 -35.95 3.95
C ARG B 273 8.75 -35.28 5.09
N VAL B 274 8.11 -34.35 5.78
CA VAL B 274 8.77 -33.65 6.87
C VAL B 274 8.91 -34.52 8.12
N LYS B 276 9.38 -37.57 8.21
CA LYS B 276 10.38 -38.59 7.99
C LYS B 276 11.73 -38.12 8.55
N TYR B 277 11.87 -36.81 8.71
CA TYR B 277 13.12 -36.25 9.22
C TYR B 277 12.99 -35.55 10.57
N TYR B 278 11.78 -35.49 11.11
CA TYR B 278 11.56 -34.83 12.39
C TYR B 278 12.41 -35.55 13.44
N PRO B 279 13.05 -34.78 14.36
CA PRO B 279 13.92 -35.25 15.44
C PRO B 279 13.25 -36.02 16.58
N SER B 280 11.93 -35.91 16.70
CA SER B 280 11.20 -36.58 17.77
C SER B 280 10.23 -37.60 17.23
N ASN B 281 9.92 -38.61 18.04
CA ASN B 281 8.97 -39.65 17.67
C ASN B 281 7.57 -39.14 17.91
N ASP B 282 7.49 -38.02 18.63
CA ASP B 282 6.22 -37.39 18.94
C ASP B 282 5.97 -36.25 17.95
N PHE B 283 5.47 -36.60 16.78
CA PHE B 283 5.22 -35.61 15.73
C PHE B 283 4.15 -34.59 16.08
N PRO B 284 4.21 -33.41 15.46
CA PRO B 284 3.22 -32.36 15.70
C PRO B 284 1.99 -32.82 14.94
N THR B 285 0.80 -32.51 15.43
CA THR B 285 -0.40 -32.93 14.71
C THR B 285 -0.41 -32.27 13.34
N ARG B 286 -1.24 -32.78 12.43
CA ARG B 286 -1.33 -32.21 11.10
C ARG B 286 -1.71 -30.73 11.18
N GLU B 287 -2.56 -30.41 12.14
CA GLU B 287 -3.02 -29.04 12.33
C GLU B 287 -1.86 -28.15 12.78
N GLY B 288 -1.05 -28.67 13.69
CA GLY B 288 0.09 -27.92 14.19
C GLY B 288 1.09 -27.66 13.08
N PHE B 289 1.31 -28.69 12.28
CA PHE B 289 2.22 -28.60 11.15
C PHE B 289 1.71 -27.52 10.21
N ARG B 290 0.45 -27.66 9.84
CA ARG B 290 -0.20 -26.71 8.96
C ARG B 290 0.01 -25.27 9.50
N SER B 292 2.53 -24.24 11.48
CA SER B 292 3.92 -23.88 11.32
C SER B 292 4.17 -23.43 9.89
N LEU B 293 3.59 -24.15 8.92
CA LEU B 293 3.75 -23.80 7.50
C LEU B 293 3.42 -22.33 7.23
N GLU B 294 2.25 -21.90 7.68
CA GLU B 294 1.84 -20.53 7.48
C GLU B 294 2.86 -19.56 8.08
N THR B 295 3.49 -19.96 9.17
CA THR B 295 4.47 -19.10 9.81
C THR B 295 5.80 -19.05 9.08
N VAL B 296 6.31 -20.24 8.78
CA VAL B 296 7.61 -20.42 8.17
C VAL B 296 7.77 -20.21 6.66
N THR B 297 6.74 -20.55 5.90
CA THR B 297 6.80 -20.44 4.45
C THR B 297 7.36 -19.14 3.88
N PRO B 298 6.92 -18.00 4.39
CA PRO B 298 7.45 -16.74 3.83
C PRO B 298 8.96 -16.58 3.95
N TYR B 299 9.59 -17.36 4.83
CA TYR B 299 11.04 -17.29 5.05
C TYR B 299 11.86 -18.39 4.41
N LEU B 300 11.22 -19.29 3.68
CA LEU B 300 11.91 -20.40 3.03
C LEU B 300 12.73 -19.92 1.83
N LEU B 301 13.70 -20.75 1.42
CA LEU B 301 14.53 -20.43 0.26
C LEU B 301 15.22 -19.09 0.43
N THR B 302 15.61 -18.77 1.65
CA THR B 302 16.27 -17.49 1.90
C THR B 302 17.52 -17.64 2.73
N LYS B 303 18.63 -17.11 2.24
CA LYS B 303 19.88 -17.14 2.99
C LYS B 303 19.81 -15.83 3.78
N LEU B 305 20.88 -13.07 6.62
CA LEU B 305 21.98 -12.50 7.36
C LEU B 305 21.58 -12.46 8.83
N ARG B 306 20.33 -12.09 9.09
CA ARG B 306 19.82 -12.02 10.46
C ARG B 306 18.86 -13.19 10.67
N GLN B 307 19.28 -14.17 11.46
CA GLN B 307 18.45 -15.34 11.74
C GLN B 307 17.10 -14.89 12.32
N PRO B 308 15.98 -15.38 11.76
CA PRO B 308 14.67 -14.99 12.28
C PRO B 308 14.33 -15.59 13.65
N SER B 309 13.59 -14.83 14.44
CA SER B 309 13.17 -15.29 15.76
C SER B 309 11.95 -16.18 15.58
N LEU B 310 12.09 -17.45 15.93
CA LEU B 310 11.00 -18.42 15.80
C LEU B 310 11.01 -19.42 16.94
N SER B 311 9.86 -19.97 17.25
CA SER B 311 9.78 -20.98 18.31
C SER B 311 10.66 -22.15 17.88
N LEU B 312 10.95 -23.02 18.84
CA LEU B 312 11.79 -24.17 18.56
C LEU B 312 11.21 -25.09 17.47
N VAL B 313 9.90 -25.30 17.52
CA VAL B 313 9.24 -26.17 16.54
C VAL B 313 9.26 -25.61 15.12
N ASP B 314 8.91 -24.34 14.98
CA ASP B 314 8.89 -23.71 13.67
C ASP B 314 10.29 -23.73 13.04
N SER B 315 11.30 -23.52 13.86
CA SER B 315 12.67 -23.53 13.37
C SER B 315 13.05 -24.89 12.80
N VAL B 316 12.70 -25.96 13.50
CA VAL B 316 13.02 -27.29 13.00
C VAL B 316 12.30 -27.54 11.67
N ILE B 317 11.01 -27.23 11.63
CA ILE B 317 10.23 -27.42 10.42
C ILE B 317 10.76 -26.56 9.26
N LEU B 318 11.23 -25.35 9.57
CA LEU B 318 11.79 -24.46 8.56
C LEU B 318 12.99 -25.18 7.94
N ASN B 319 13.86 -25.70 8.80
CA ASN B 319 15.06 -26.40 8.36
C ASN B 319 14.78 -27.60 7.46
N ILE B 320 13.82 -28.42 7.87
CA ILE B 320 13.48 -29.61 7.10
C ILE B 320 12.87 -29.23 5.76
N LEU B 321 12.04 -28.20 5.76
CA LEU B 321 11.42 -27.76 4.53
C LEU B 321 12.46 -27.26 3.54
N ASN B 322 13.48 -26.56 4.02
CA ASN B 322 14.51 -26.08 3.10
C ASN B 322 15.24 -27.27 2.54
N GLN B 323 15.44 -28.29 3.36
CA GLN B 323 16.12 -29.50 2.94
C GLN B 323 15.36 -30.18 1.82
N LEU B 324 14.05 -30.30 2.00
CA LEU B 324 13.22 -30.93 0.99
C LEU B 324 13.22 -30.15 -0.32
N PHE B 325 13.56 -28.87 -0.27
CA PHE B 325 13.64 -28.05 -1.48
C PHE B 325 15.11 -27.93 -1.89
N HIS B 326 15.95 -28.74 -1.26
CA HIS B 326 17.38 -28.74 -1.54
C HIS B 326 17.97 -27.35 -1.41
N PHE B 327 17.52 -26.62 -0.41
CA PHE B 327 18.04 -25.28 -0.16
C PHE B 327 18.89 -25.40 1.09
N SER B 328 20.10 -24.86 1.00
CA SER B 328 21.10 -24.92 2.06
C SER B 328 20.80 -24.29 3.43
N TYR B 329 20.27 -23.07 3.43
CA TYR B 329 20.04 -22.38 4.70
C TYR B 329 19.37 -23.16 5.80
N ARG B 330 19.97 -23.07 6.98
CA ARG B 330 19.50 -23.75 8.19
C ARG B 330 19.55 -22.76 9.35
N ILE B 331 18.56 -22.83 10.24
CA ILE B 331 18.53 -21.97 11.41
C ILE B 331 19.45 -22.61 12.44
N ARG B 332 20.40 -21.83 12.94
CA ARG B 332 21.36 -22.32 13.93
C ARG B 332 20.93 -22.22 15.39
N CYS B 333 20.96 -23.38 16.05
CA CYS B 333 20.60 -23.50 17.46
C CYS B 333 21.22 -22.42 18.33
N SER B 334 20.42 -21.47 18.77
CA SER B 334 20.91 -20.39 19.63
C SER B 334 20.87 -20.90 21.08
N GLN B 335 21.91 -21.65 21.46
CA GLN B 335 21.97 -22.24 22.79
C GLN B 335 22.30 -21.25 23.92
N THR B 336 21.53 -21.37 25.01
CA THR B 336 21.71 -20.55 26.19
C THR B 336 21.49 -21.50 27.37
N PRO B 337 22.46 -21.58 28.29
CA PRO B 337 22.42 -22.45 29.48
C PRO B 337 21.27 -22.23 30.47
N ASP B 338 20.68 -21.04 30.46
CA ASP B 338 19.59 -20.72 31.38
C ASP B 338 18.24 -21.12 30.80
N LYS B 339 18.27 -21.91 29.73
CA LYS B 339 17.06 -22.37 29.07
C LYS B 339 15.96 -22.76 30.05
N GLU B 340 16.33 -23.43 31.13
CA GLU B 340 15.36 -23.88 32.13
C GLU B 340 14.67 -22.75 32.89
N LEU B 341 15.44 -21.75 33.31
CA LEU B 341 14.88 -20.63 34.06
C LEU B 341 13.93 -19.77 33.22
N LEU B 342 14.25 -19.59 31.94
CA LEU B 342 13.41 -18.79 31.06
C LEU B 342 12.03 -19.42 30.87
N GLN B 343 12.01 -20.73 30.62
CA GLN B 343 10.77 -21.47 30.43
C GLN B 343 9.91 -21.40 31.67
N LYS B 344 10.53 -21.60 32.83
CA LYS B 344 9.81 -21.53 34.10
C LYS B 344 9.27 -20.12 34.29
N PHE B 345 9.90 -19.16 33.61
CA PHE B 345 9.47 -17.77 33.70
C PHE B 345 8.23 -17.56 32.83
N LEU B 346 8.09 -18.40 31.81
CA LEU B 346 6.94 -18.30 30.92
C LEU B 346 5.74 -19.07 31.50
N GLU B 347 5.65 -19.09 32.83
CA GLU B 347 4.57 -19.77 33.54
C GLU B 347 4.25 -21.16 33.01
N SER B 348 3.09 -21.59 33.15
#